data_6S3M
#
_entry.id   6S3M
#
_cell.length_a   87.735
_cell.length_b   101.974
_cell.length_c   250.925
_cell.angle_alpha   90.00
_cell.angle_beta   90.00
_cell.angle_gamma   90.00
#
_symmetry.space_group_name_H-M   'C 2 2 21'
#
loop_
_entity.id
_entity.type
_entity.pdbx_description
1 polymer 'PIF1 helicase'
2 polymer "DNA (5'-D(P*TP*TP*TP*TP*TP*G)-3')"
3 non-polymer "ADENOSINE-5'-DIPHOSPHATE"
4 non-polymer 'MAGNESIUM ION'
5 non-polymer 'TETRAFLUOROALUMINATE ION'
6 water water
#
loop_
_entity_poly.entity_id
_entity_poly.type
_entity_poly.pdbx_seq_one_letter_code
_entity_poly.pdbx_strand_id
1 'polypeptide(L)'
;TPEGLSSEQQRAFLAVTQTPHPAHLITGPAGTGKTTLLYALQEFYKGRAVTLAPTGTAALQARGQTVHSFFRFPARLLRY
RHPEDIRPPGPHSPLRKAIEQMEVLILDEVGMVRVDLLEAMDWALRKTRKRLEEPFGGVKVLLLGDTRQLEPVVPGGEEA
LYIARTWGGPFFFQAHVWEEVALRVHRLWESQRQREDPLFAELLKRLRQGDPQALETLNRAAVRPDGGEEPGTLILTPRR
KEADALNLKRLEALPGKPLEYQAQVKGEFAETDFPTEAALTLKKGAQVILLRNDPLGEYFNGDLGWVEDLEAEALAVRLK
RNGRRVVIRPFVWEKIVYTYDSEREEIKPQVVGTFRQVPVRLAWALTVHKAQGLTLDKVHLELGRGLFAHGQLYVALTRV
RRLQDLSLSRPIAPTELLWRPEVEVFETRIQEGIWQKSHGWPSL
;
A,B
2 'polydeoxyribonucleotide' (DT)(DT)(DT)(DT)(DT)(DT)(DT)(DT)(DT)(DT)(DT)(DT)(DT)(DT)(DT)(DT)(DT)(DG) C,D
#
loop_
_chem_comp.id
_chem_comp.type
_chem_comp.name
_chem_comp.formula
ADP non-polymer ADENOSINE-5'-DIPHOSPHATE 'C10 H15 N5 O10 P2'
ALF non-polymer 'TETRAFLUOROALUMINATE ION' 'Al F4 -1'
DG DNA linking 2'-DEOXYGUANOSINE-5'-MONOPHOSPHATE 'C10 H14 N5 O7 P'
DT DNA linking THYMIDINE-5'-MONOPHOSPHATE 'C10 H15 N2 O8 P'
MG non-polymer 'MAGNESIUM ION' 'Mg 2'
#
# COMPACT_ATOMS: atom_id res chain seq x y z
N GLY A 4 38.82 -9.36 4.11
CA GLY A 4 38.92 -8.51 5.29
C GLY A 4 39.03 -7.04 4.94
N LEU A 5 39.00 -6.19 5.96
CA LEU A 5 38.98 -4.74 5.75
C LEU A 5 40.39 -4.21 5.52
N SER A 6 40.46 -2.96 5.11
CA SER A 6 41.78 -2.36 4.96
C SER A 6 42.25 -1.82 6.31
N SER A 7 43.49 -1.34 6.31
CA SER A 7 44.07 -0.76 7.52
C SER A 7 43.21 0.39 8.06
N GLU A 8 42.88 1.36 7.19
CA GLU A 8 42.16 2.53 7.67
C GLU A 8 40.71 2.22 8.00
N GLN A 9 40.09 1.25 7.30
CA GLN A 9 38.73 0.87 7.66
C GLN A 9 38.70 0.20 9.03
N GLN A 10 39.63 -0.71 9.30
CA GLN A 10 39.65 -1.34 10.61
C GLN A 10 39.93 -0.32 11.71
N ARG A 11 40.79 0.66 11.45
CA ARG A 11 41.03 1.71 12.44
C ARG A 11 39.74 2.47 12.76
N ALA A 12 38.93 2.75 11.74
CA ALA A 12 37.64 3.42 12.00
C ALA A 12 36.65 2.49 12.66
N PHE A 13 36.71 1.20 12.32
CA PHE A 13 35.86 0.22 12.99
C PHE A 13 36.07 0.24 14.50
N LEU A 14 37.32 0.15 14.93
CA LEU A 14 37.61 0.14 16.35
C LEU A 14 37.31 1.49 16.99
N ALA A 15 37.56 2.58 16.28
CA ALA A 15 37.28 3.90 16.86
C ALA A 15 35.80 4.08 17.18
N VAL A 16 34.93 3.37 16.48
CA VAL A 16 33.50 3.59 16.58
C VAL A 16 32.91 2.59 17.59
N THR A 17 33.48 1.40 17.67
CA THR A 17 32.91 0.37 18.53
C THR A 17 33.56 0.29 19.90
N GLN A 18 34.78 0.81 20.06
CA GLN A 18 35.49 0.69 21.31
C GLN A 18 35.33 1.90 22.23
N THR A 19 34.58 2.92 21.81
CA THR A 19 34.31 4.09 22.61
C THR A 19 32.81 4.28 22.83
N PRO A 20 32.42 4.83 23.99
CA PRO A 20 30.99 5.02 24.27
C PRO A 20 30.42 6.31 23.71
N HIS A 21 31.19 7.10 22.99
CA HIS A 21 30.68 8.36 22.45
C HIS A 21 29.51 8.08 21.51
N PRO A 22 28.43 8.86 21.61
CA PRO A 22 27.16 8.47 20.97
C PRO A 22 26.97 8.94 19.54
N ALA A 23 27.92 9.66 18.95
CA ALA A 23 27.71 10.21 17.62
C ALA A 23 29.02 10.15 16.84
N HIS A 24 29.02 9.40 15.74
CA HIS A 24 30.22 9.28 14.94
C HIS A 24 29.89 9.51 13.48
N LEU A 25 30.86 10.05 12.75
CA LEU A 25 30.78 10.17 11.30
C LEU A 25 31.99 9.48 10.71
N ILE A 26 31.76 8.51 9.83
CA ILE A 26 32.81 7.97 8.99
C ILE A 26 32.62 8.60 7.62
N THR A 27 33.61 9.35 7.15
CA THR A 27 33.48 10.02 5.87
C THR A 27 34.77 9.88 5.07
N GLY A 28 34.61 9.93 3.75
CA GLY A 28 35.73 9.86 2.85
C GLY A 28 35.23 9.91 1.41
N PRO A 29 36.15 9.98 0.47
CA PRO A 29 35.75 10.08 -0.94
C PRO A 29 34.95 8.86 -1.38
N ALA A 30 34.46 8.95 -2.60
CA ALA A 30 33.70 7.87 -3.20
C ALA A 30 34.54 6.59 -3.30
N GLY A 31 33.91 5.46 -2.99
CA GLY A 31 34.57 4.19 -3.14
C GLY A 31 35.66 3.90 -2.14
N THR A 32 35.74 4.63 -1.03
CA THR A 32 36.75 4.35 -0.03
C THR A 32 36.42 3.15 0.87
N GLY A 33 35.22 2.59 0.74
CA GLY A 33 34.82 1.45 1.53
C GLY A 33 33.91 1.73 2.69
N LYS A 34 33.20 2.86 2.70
CA LYS A 34 32.36 3.21 3.83
C LYS A 34 31.23 2.19 4.02
N THR A 35 30.53 1.86 2.94
CA THR A 35 29.45 0.89 3.06
C THR A 35 29.98 -0.51 3.36
N THR A 36 31.17 -0.86 2.86
CA THR A 36 31.77 -2.14 3.23
C THR A 36 32.12 -2.17 4.71
N LEU A 37 32.61 -1.05 5.24
CA LEU A 37 32.85 -0.98 6.66
C LEU A 37 31.52 -1.06 7.41
N LEU A 38 30.47 -0.47 6.85
CA LEU A 38 29.13 -0.63 7.42
C LEU A 38 28.76 -2.09 7.53
N TYR A 39 29.12 -2.90 6.53
CA TYR A 39 28.84 -4.32 6.61
C TYR A 39 29.50 -4.92 7.85
N ALA A 40 30.76 -4.56 8.11
CA ALA A 40 31.44 -5.06 9.30
C ALA A 40 30.76 -4.59 10.57
N LEU A 41 30.15 -3.41 10.53
CA LEU A 41 29.47 -2.92 11.72
C LEU A 41 28.18 -3.68 11.95
N GLN A 42 27.47 -4.03 10.88
CA GLN A 42 26.25 -4.82 11.03
C GLN A 42 26.53 -6.18 11.65
N GLU A 43 27.66 -6.79 11.31
CA GLU A 43 27.92 -8.10 11.88
C GLU A 43 28.37 -7.99 13.33
N PHE A 44 29.02 -6.88 13.71
CA PHE A 44 29.42 -6.69 15.10
C PHE A 44 28.22 -6.44 16.01
N TYR A 45 27.23 -5.71 15.53
CA TYR A 45 26.15 -5.16 16.34
C TYR A 45 24.90 -6.04 16.36
N LYS A 46 24.94 -7.22 15.74
CA LYS A 46 23.97 -7.70 14.78
C LYS A 46 22.52 -7.30 15.03
N GLY A 47 21.91 -7.78 16.10
CA GLY A 47 20.50 -7.46 16.22
C GLY A 47 20.22 -6.11 16.84
N ARG A 48 21.24 -5.50 17.44
CA ARG A 48 21.10 -4.31 18.26
C ARG A 48 21.16 -3.01 17.46
N ALA A 49 21.52 -3.08 16.17
CA ALA A 49 21.65 -1.91 15.33
C ALA A 49 20.57 -1.90 14.27
N VAL A 50 20.07 -0.70 13.94
CA VAL A 50 19.20 -0.49 12.79
C VAL A 50 19.96 0.30 11.73
N THR A 51 19.91 -0.16 10.48
CA THR A 51 20.60 0.42 9.33
C THR A 51 19.59 1.12 8.43
N LEU A 52 19.75 2.43 8.28
CA LEU A 52 18.89 3.21 7.41
C LEU A 52 19.72 3.95 6.37
N ALA A 53 19.03 4.51 5.38
CA ALA A 53 19.66 5.35 4.37
C ALA A 53 18.59 6.22 3.75
N PRO A 54 18.95 7.37 3.16
CA PRO A 54 17.92 8.29 2.66
C PRO A 54 17.20 7.82 1.41
N THR A 55 17.87 7.13 0.50
CA THR A 55 17.26 6.71 -0.75
C THR A 55 17.05 5.20 -0.73
N GLY A 56 16.17 4.75 -1.63
CA GLY A 56 15.89 3.32 -1.70
C GLY A 56 17.06 2.53 -2.23
N THR A 57 17.76 3.07 -3.25
CA THR A 57 18.93 2.36 -3.78
C THR A 57 20.02 2.28 -2.73
N ALA A 58 20.25 3.36 -1.99
CA ALA A 58 21.29 3.31 -0.96
C ALA A 58 20.90 2.37 0.18
N ALA A 59 19.62 2.37 0.56
CA ALA A 59 19.19 1.47 1.63
C ALA A 59 19.47 0.02 1.26
N LEU A 60 19.11 -0.37 0.03
CA LEU A 60 19.36 -1.73 -0.43
C LEU A 60 20.85 -2.00 -0.50
N GLN A 61 21.63 -1.00 -0.90
CA GLN A 61 23.08 -1.16 -0.90
C GLN A 61 23.64 -1.31 0.51
N ALA A 62 23.04 -0.61 1.47
CA ALA A 62 23.45 -0.76 2.86
C ALA A 62 22.82 -1.98 3.53
N ARG A 63 21.96 -2.71 2.80
CA ARG A 63 21.23 -3.83 3.37
C ARG A 63 20.34 -3.37 4.52
N GLY A 64 19.76 -2.19 4.37
CA GLY A 64 18.87 -1.64 5.38
C GLY A 64 17.56 -1.23 4.75
N GLN A 65 16.92 -0.24 5.36
CA GLN A 65 15.73 0.36 4.76
C GLN A 65 15.85 1.87 4.80
N THR A 66 14.90 2.53 4.15
CA THR A 66 14.93 3.98 4.12
C THR A 66 14.53 4.53 5.48
N VAL A 67 15.06 5.73 5.78
CA VAL A 67 14.68 6.43 7.02
C VAL A 67 13.18 6.63 7.08
N HIS A 68 12.58 7.03 5.95
CA HIS A 68 11.15 7.32 5.96
C HIS A 68 10.35 6.08 6.33
N SER A 69 10.65 4.93 5.71
CA SER A 69 9.77 3.78 5.97
C SER A 69 9.97 3.16 7.34
N PHE A 70 11.16 3.33 7.95
CA PHE A 70 11.36 2.80 9.30
C PHE A 70 10.56 3.59 10.34
N PHE A 71 10.71 4.91 10.34
CA PHE A 71 9.99 5.77 11.26
C PHE A 71 8.58 6.08 10.80
N ARG A 72 8.20 5.59 9.62
CA ARG A 72 6.91 5.91 9.03
C ARG A 72 6.74 7.42 8.90
N PHE A 73 7.78 8.09 8.47
CA PHE A 73 7.68 9.51 8.19
C PHE A 73 6.92 9.75 6.89
N PRO A 74 6.05 10.75 6.83
CA PRO A 74 5.40 11.09 5.56
C PRO A 74 6.39 11.75 4.60
N ALA A 75 6.07 11.68 3.31
CA ALA A 75 6.97 12.18 2.27
C ALA A 75 6.76 13.67 2.03
N ARG A 76 7.00 14.44 3.08
CA ARG A 76 6.80 15.89 3.02
C ARG A 76 7.78 16.54 3.97
N LEU A 77 7.82 17.86 3.95
CA LEU A 77 8.65 18.61 4.88
C LEU A 77 8.33 18.20 6.31
N LEU A 78 9.33 17.71 7.02
CA LEU A 78 9.17 17.36 8.43
C LEU A 78 9.47 18.62 9.24
N ARG A 79 8.42 19.30 9.70
CA ARG A 79 8.65 20.51 10.47
C ARG A 79 9.30 20.16 11.80
N TYR A 80 10.05 21.14 12.34
CA TYR A 80 10.89 20.93 13.51
C TYR A 80 10.09 20.55 14.76
N ARG A 81 10.31 19.32 15.25
CA ARG A 81 9.64 18.78 16.43
C ARG A 81 8.12 18.95 16.33
N HIS A 82 7.59 18.87 15.12
CA HIS A 82 6.17 19.10 14.92
C HIS A 82 5.39 17.81 15.16
N PRO A 83 4.43 17.79 16.08
CA PRO A 83 3.68 16.56 16.33
C PRO A 83 2.87 16.08 15.13
N GLU A 84 2.44 16.98 14.25
CA GLU A 84 1.70 16.55 13.07
C GLU A 84 2.57 15.77 12.09
N ASP A 85 3.89 15.99 12.10
CA ASP A 85 4.79 15.36 11.16
C ASP A 85 5.57 14.19 11.76
N ILE A 86 5.97 14.29 13.02
CA ILE A 86 6.76 13.27 13.70
C ILE A 86 5.84 12.60 14.72
N ARG A 87 5.35 11.42 14.38
CA ARG A 87 4.34 10.75 15.19
C ARG A 87 4.93 9.49 15.81
N PRO A 88 5.07 9.41 17.13
CA PRO A 88 5.66 8.22 17.72
C PRO A 88 4.76 7.01 17.50
N PRO A 89 5.32 5.81 17.45
CA PRO A 89 4.50 4.62 17.25
C PRO A 89 3.60 4.36 18.45
N GLY A 90 2.54 3.59 18.19
CA GLY A 90 1.55 3.26 19.19
C GLY A 90 2.10 2.45 20.35
N PRO A 91 1.30 2.34 21.42
CA PRO A 91 1.81 1.69 22.64
C PRO A 91 2.24 0.26 22.47
N HIS A 92 1.63 -0.50 21.54
CA HIS A 92 1.94 -1.91 21.39
C HIS A 92 2.49 -2.25 20.00
N SER A 93 2.93 -1.27 19.25
CA SER A 93 3.31 -1.50 17.87
C SER A 93 4.66 -2.20 17.77
N PRO A 94 4.88 -2.96 16.69
CA PRO A 94 6.20 -3.55 16.46
C PRO A 94 7.30 -2.50 16.36
N LEU A 95 6.99 -1.31 15.84
CA LEU A 95 8.03 -0.30 15.66
C LEU A 95 8.49 0.27 17.00
N ARG A 96 7.57 0.48 17.95
CA ARG A 96 7.96 0.97 19.26
C ARG A 96 8.91 0.00 19.94
N LYS A 97 8.59 -1.30 19.89
CA LYS A 97 9.51 -2.29 20.46
C LYS A 97 10.87 -2.22 19.80
N ALA A 98 10.91 -1.99 18.47
CA ALA A 98 12.19 -1.88 17.80
C ALA A 98 12.94 -0.63 18.24
N ILE A 99 12.22 0.47 18.44
CA ILE A 99 12.88 1.71 18.83
C ILE A 99 13.32 1.67 20.28
N GLU A 100 12.51 1.06 21.15
CA GLU A 100 12.86 1.00 22.56
C GLU A 100 14.04 0.08 22.83
N GLN A 101 14.17 -1.01 22.06
CA GLN A 101 15.24 -1.98 22.29
C GLN A 101 16.52 -1.64 21.55
N MET A 102 16.41 -0.97 20.39
CA MET A 102 17.55 -0.52 19.59
C MET A 102 18.64 0.10 20.44
N GLU A 103 19.90 -0.19 20.11
CA GLU A 103 21.04 0.44 20.76
C GLU A 103 21.93 1.27 19.83
N VAL A 104 21.96 0.96 18.53
CA VAL A 104 22.80 1.68 17.55
C VAL A 104 21.99 1.92 16.29
N LEU A 105 22.03 3.14 15.78
CA LEU A 105 21.45 3.45 14.49
C LEU A 105 22.60 3.73 13.52
N ILE A 106 22.64 2.98 12.41
CA ILE A 106 23.65 3.18 11.36
C ILE A 106 22.97 3.92 10.21
N LEU A 107 23.49 5.10 9.85
CA LEU A 107 22.90 5.90 8.78
C LEU A 107 23.91 6.10 7.64
N ASP A 108 23.72 5.39 6.54
CA ASP A 108 24.60 5.50 5.39
C ASP A 108 24.14 6.62 4.47
N GLU A 109 25.05 7.04 3.60
CA GLU A 109 24.83 8.14 2.65
C GLU A 109 24.22 9.37 3.33
N VAL A 110 24.77 9.72 4.50
CA VAL A 110 24.21 10.82 5.29
C VAL A 110 24.29 12.13 4.54
N GLY A 111 25.14 12.23 3.52
CA GLY A 111 25.23 13.45 2.74
C GLY A 111 23.92 13.81 2.04
N MET A 112 23.12 12.82 1.72
CA MET A 112 21.82 13.06 1.09
C MET A 112 20.69 13.17 2.09
N VAL A 113 20.96 13.01 3.38
CA VAL A 113 19.94 13.20 4.42
C VAL A 113 19.75 14.69 4.65
N ARG A 114 18.56 15.18 4.37
CA ARG A 114 18.27 16.58 4.57
C ARG A 114 18.14 16.86 6.05
N VAL A 115 18.29 18.15 6.41
CA VAL A 115 18.41 18.53 7.81
C VAL A 115 17.12 18.27 8.57
N ASP A 116 15.96 18.44 7.92
CA ASP A 116 14.71 18.16 8.62
C ASP A 116 14.54 16.66 8.86
N LEU A 117 15.06 15.85 7.95
CA LEU A 117 14.97 14.40 8.14
C LEU A 117 15.83 13.95 9.31
N LEU A 118 17.04 14.48 9.43
CA LEU A 118 17.91 14.15 10.56
C LEU A 118 17.31 14.64 11.88
N GLU A 119 16.72 15.83 11.87
CA GLU A 119 16.12 16.34 13.10
C GLU A 119 14.90 15.52 13.50
N ALA A 120 14.13 15.02 12.54
CA ALA A 120 12.98 14.20 12.88
C ALA A 120 13.41 12.87 13.50
N MET A 121 14.46 12.25 12.96
CA MET A 121 14.99 11.04 13.56
C MET A 121 15.36 11.27 15.01
N ASP A 122 16.05 12.37 15.28
CA ASP A 122 16.39 12.70 16.67
C ASP A 122 15.12 12.79 17.51
N TRP A 123 14.17 13.63 17.10
CA TRP A 123 13.00 13.85 17.92
C TRP A 123 12.16 12.59 18.05
N ALA A 124 12.02 11.82 16.97
CA ALA A 124 11.24 10.59 17.05
C ALA A 124 11.84 9.62 18.06
N LEU A 125 13.16 9.50 18.08
CA LEU A 125 13.77 8.58 19.04
C LEU A 125 13.59 9.09 20.46
N ARG A 126 13.76 10.41 20.67
CA ARG A 126 13.61 10.95 22.02
C ARG A 126 12.20 10.73 22.55
N LYS A 127 11.19 10.96 21.72
CA LYS A 127 9.81 10.83 22.14
C LYS A 127 9.43 9.38 22.40
N THR A 128 9.78 8.49 21.47
CA THR A 128 9.44 7.07 21.64
C THR A 128 10.11 6.47 22.86
N ARG A 129 11.41 6.72 23.03
CA ARG A 129 12.12 6.15 24.17
C ARG A 129 11.88 6.92 25.46
N LYS A 130 11.08 8.00 25.41
CA LYS A 130 10.74 8.82 26.58
C LYS A 130 11.97 9.48 27.20
N ARG A 131 12.94 9.87 26.37
CA ARG A 131 14.12 10.57 26.85
C ARG A 131 14.31 11.81 25.99
N LEU A 132 13.66 12.91 26.39
CA LEU A 132 13.75 14.15 25.63
C LEU A 132 15.07 14.88 25.87
N GLU A 133 15.77 14.57 26.95
CA GLU A 133 16.99 15.27 27.32
C GLU A 133 18.21 14.75 26.56
N GLU A 134 18.12 13.58 25.94
CA GLU A 134 19.29 13.02 25.29
C GLU A 134 19.18 13.05 23.76
N PRO A 135 20.25 13.43 23.06
CA PRO A 135 20.22 13.38 21.60
C PRO A 135 19.96 11.96 21.12
N PHE A 136 19.08 11.84 20.12
CA PHE A 136 18.69 10.57 19.52
C PHE A 136 18.19 9.60 20.58
N GLY A 137 17.69 10.13 21.69
CA GLY A 137 17.10 9.33 22.75
C GLY A 137 18.07 8.38 23.42
N GLY A 138 19.37 8.63 23.29
CA GLY A 138 20.37 7.76 23.88
C GLY A 138 20.88 6.68 22.95
N VAL A 139 20.41 6.65 21.71
CA VAL A 139 20.95 5.72 20.72
C VAL A 139 22.29 6.25 20.22
N LYS A 140 23.26 5.34 20.08
CA LYS A 140 24.53 5.66 19.44
C LYS A 140 24.33 5.68 17.93
N VAL A 141 24.51 6.85 17.31
CA VAL A 141 24.34 6.99 15.87
C VAL A 141 25.72 6.92 15.20
N LEU A 142 25.80 6.12 14.14
CA LEU A 142 26.98 5.98 13.31
C LEU A 142 26.61 6.43 11.91
N LEU A 143 27.16 7.57 11.51
CA LEU A 143 26.89 8.21 10.24
C LEU A 143 28.03 7.92 9.27
N LEU A 144 27.68 7.61 8.03
CA LEU A 144 28.65 7.41 6.96
C LEU A 144 28.20 8.15 5.72
N GLY A 145 29.13 8.83 5.05
CA GLY A 145 28.75 9.54 3.84
C GLY A 145 29.85 10.47 3.36
N ASP A 146 29.49 11.29 2.38
CA ASP A 146 30.42 12.17 1.70
C ASP A 146 29.65 13.42 1.28
N THR A 147 29.96 14.56 1.92
CA THR A 147 29.35 15.86 1.59
C THR A 147 29.75 16.40 0.21
N ARG A 148 30.82 15.88 -0.42
CA ARG A 148 31.15 16.27 -1.78
C ARG A 148 30.32 15.51 -2.80
N GLN A 149 29.57 14.51 -2.38
CA GLN A 149 28.60 13.83 -3.22
C GLN A 149 27.30 14.61 -3.15
N LEU A 150 26.21 14.03 -3.64
CA LEU A 150 25.00 14.82 -3.88
C LEU A 150 24.49 15.47 -2.60
N GLU A 151 24.09 16.73 -2.74
CA GLU A 151 23.41 17.50 -1.71
C GLU A 151 21.97 17.05 -1.57
N PRO A 152 21.33 17.30 -0.42
CA PRO A 152 19.93 16.92 -0.26
C PRO A 152 19.02 17.62 -1.26
N VAL A 153 17.87 16.99 -1.50
CA VAL A 153 16.90 17.45 -2.49
C VAL A 153 15.99 18.46 -1.79
N VAL A 154 15.89 19.66 -2.35
CA VAL A 154 15.10 20.72 -1.71
C VAL A 154 14.20 21.39 -2.73
N PRO A 155 12.95 20.99 -2.87
CA PRO A 155 12.04 21.67 -3.81
C PRO A 155 11.80 23.12 -3.42
N GLY A 156 11.49 23.94 -4.42
CA GLY A 156 11.47 25.37 -4.26
C GLY A 156 10.18 25.97 -3.74
N GLY A 157 9.49 25.23 -2.88
CA GLY A 157 8.25 25.72 -2.33
C GLY A 157 8.49 26.73 -1.23
N GLU A 158 7.49 26.87 -0.37
CA GLU A 158 7.76 27.46 0.94
C GLU A 158 8.59 26.53 1.80
N GLU A 159 8.82 25.29 1.35
CA GLU A 159 9.74 24.41 2.07
C GLU A 159 11.13 25.01 2.14
N ALA A 160 11.63 25.49 1.00
CA ALA A 160 12.98 26.05 0.97
C ALA A 160 13.11 27.21 1.92
N LEU A 161 12.13 28.12 1.92
CA LEU A 161 12.15 29.23 2.86
C LEU A 161 12.11 28.75 4.30
N TYR A 162 11.27 27.74 4.58
CA TYR A 162 11.16 27.22 5.95
C TYR A 162 12.43 26.51 6.39
N ILE A 163 13.00 25.69 5.52
CA ILE A 163 14.29 25.08 5.85
C ILE A 163 15.34 26.16 6.07
N ALA A 164 15.31 27.21 5.23
CA ALA A 164 16.25 28.32 5.36
C ALA A 164 16.10 29.02 6.69
N ARG A 165 14.86 29.35 7.08
CA ARG A 165 14.65 30.07 8.33
C ARG A 165 14.96 29.21 9.55
N THR A 166 14.67 27.91 9.49
CA THR A 166 14.75 27.08 10.70
C THR A 166 16.17 26.61 10.98
N TRP A 167 16.92 26.27 9.94
CA TRP A 167 18.25 25.70 10.11
C TRP A 167 19.36 26.47 9.41
N GLY A 168 19.05 27.37 8.50
CA GLY A 168 20.07 28.08 7.75
C GLY A 168 20.51 27.39 6.47
N GLY A 169 20.03 26.18 6.21
CA GLY A 169 20.41 25.43 5.03
C GLY A 169 19.93 24.00 5.16
N PRO A 170 20.13 23.19 4.13
CA PRO A 170 19.54 21.85 4.06
C PRO A 170 20.40 20.69 4.55
N PHE A 171 21.67 20.90 4.88
CA PHE A 171 22.58 19.79 5.12
C PHE A 171 22.45 19.25 6.54
N PHE A 172 22.83 17.98 6.71
CA PHE A 172 22.60 17.30 7.98
C PHE A 172 23.45 17.89 9.09
N PHE A 173 24.61 18.45 8.77
CA PHE A 173 25.44 19.08 9.80
C PHE A 173 24.89 20.41 10.27
N GLN A 174 23.81 20.89 9.67
CA GLN A 174 23.14 22.10 10.12
C GLN A 174 21.99 21.80 11.09
N ALA A 175 21.78 20.53 11.44
CA ALA A 175 20.77 20.18 12.43
C ALA A 175 21.15 20.73 13.80
N HIS A 176 20.15 21.20 14.54
CA HIS A 176 20.39 21.75 15.87
C HIS A 176 20.82 20.71 16.89
N VAL A 177 20.64 19.42 16.58
CA VAL A 177 21.07 18.37 17.49
C VAL A 177 22.58 18.40 17.68
N TRP A 178 23.32 18.93 16.70
CA TRP A 178 24.75 19.05 16.85
C TRP A 178 25.16 20.14 17.83
N GLU A 179 24.21 20.97 18.28
CA GLU A 179 24.46 21.86 19.41
C GLU A 179 24.49 21.11 20.74
N GLU A 180 23.94 19.89 20.78
CA GLU A 180 23.81 19.13 22.03
C GLU A 180 24.82 18.00 22.17
N VAL A 181 25.39 17.51 21.07
CA VAL A 181 26.34 16.41 21.11
C VAL A 181 27.41 16.68 20.07
N ALA A 182 28.65 16.36 20.42
CA ALA A 182 29.74 16.50 19.46
C ALA A 182 29.76 15.29 18.53
N LEU A 183 30.04 15.54 17.26
CA LEU A 183 30.09 14.50 16.24
C LEU A 183 31.56 14.15 15.97
N ARG A 184 31.97 12.95 16.37
CA ARG A 184 33.33 12.50 16.14
C ARG A 184 33.49 12.07 14.69
N VAL A 185 34.53 12.55 14.03
CA VAL A 185 34.75 12.31 12.60
C VAL A 185 35.95 11.41 12.41
N HIS A 186 35.75 10.32 11.68
CA HIS A 186 36.83 9.43 11.26
C HIS A 186 36.86 9.38 9.75
N ARG A 187 38.06 9.37 9.18
CA ARG A 187 38.23 9.60 7.75
C ARG A 187 38.88 8.40 7.07
N LEU A 188 38.41 8.11 5.85
CA LEU A 188 38.98 7.12 4.95
C LEU A 188 39.52 7.84 3.72
N TRP A 189 40.70 7.41 3.23
CA TRP A 189 41.41 8.04 2.13
C TRP A 189 41.66 7.14 0.93
N GLU A 190 41.96 5.86 1.15
CA GLU A 190 42.33 4.97 0.06
C GLU A 190 41.09 4.49 -0.69
N SER A 191 41.04 4.77 -1.99
CA SER A 191 39.99 4.20 -2.83
C SER A 191 40.12 2.68 -2.87
N GLN A 192 39.02 1.99 -2.56
CA GLN A 192 38.95 0.55 -2.80
C GLN A 192 38.31 0.24 -4.15
N ARG A 193 37.31 1.04 -4.57
CA ARG A 193 36.63 0.79 -5.83
C ARG A 193 37.59 0.94 -7.02
N GLN A 194 38.41 2.00 -7.02
CA GLN A 194 39.36 2.26 -8.08
C GLN A 194 40.76 1.78 -7.71
N ARG A 195 40.87 0.71 -6.92
CA ARG A 195 42.17 0.30 -6.43
C ARG A 195 43.05 -0.31 -7.50
N GLU A 196 42.45 -0.95 -8.50
CA GLU A 196 43.22 -1.54 -9.60
C GLU A 196 43.61 -0.53 -10.67
N ASP A 197 43.19 0.73 -10.55
CA ASP A 197 43.45 1.78 -11.53
C ASP A 197 43.89 3.02 -10.78
N PRO A 198 45.14 3.04 -10.29
CA PRO A 198 45.58 4.15 -9.42
C PRO A 198 45.60 5.51 -10.09
N LEU A 199 45.86 5.59 -11.40
CA LEU A 199 45.81 6.87 -12.10
C LEU A 199 44.38 7.38 -12.23
N PHE A 200 43.41 6.48 -12.39
CA PHE A 200 42.01 6.89 -12.36
C PHE A 200 41.63 7.43 -10.98
N ALA A 201 42.03 6.71 -9.93
CA ALA A 201 41.77 7.16 -8.57
C ALA A 201 42.37 8.54 -8.32
N GLU A 202 43.56 8.79 -8.84
CA GLU A 202 44.19 10.10 -8.65
C GLU A 202 43.49 11.17 -9.48
N LEU A 203 42.95 10.80 -10.64
CA LEU A 203 42.18 11.75 -11.43
C LEU A 203 40.93 12.19 -10.67
N LEU A 204 40.19 11.24 -10.09
CA LEU A 204 39.00 11.57 -9.32
C LEU A 204 39.34 12.39 -8.08
N LYS A 205 40.50 12.12 -7.47
CA LYS A 205 40.94 12.96 -6.36
C LYS A 205 41.09 14.40 -6.80
N ARG A 206 41.79 14.63 -7.92
CA ARG A 206 41.96 15.99 -8.41
C ARG A 206 40.65 16.58 -8.89
N LEU A 207 39.76 15.77 -9.48
CA LEU A 207 38.44 16.28 -9.81
C LEU A 207 37.70 16.69 -8.56
N ARG A 208 37.85 15.92 -7.49
CA ARG A 208 37.20 16.24 -6.23
C ARG A 208 37.66 17.60 -5.69
N GLN A 209 38.94 17.93 -5.85
CA GLN A 209 39.45 19.24 -5.48
C GLN A 209 39.11 20.32 -6.50
N GLY A 210 38.38 19.98 -7.57
CA GLY A 210 38.02 20.95 -8.58
C GLY A 210 39.11 21.29 -9.59
N ASP A 211 40.17 20.49 -9.66
CA ASP A 211 41.29 20.73 -10.59
C ASP A 211 40.78 20.85 -12.03
N PRO A 212 41.03 21.99 -12.70
CA PRO A 212 40.56 22.12 -14.09
C PRO A 212 41.40 21.38 -15.11
N GLN A 213 42.64 20.98 -14.78
CA GLN A 213 43.41 20.14 -15.69
C GLN A 213 42.94 18.70 -15.63
N ALA A 214 42.43 18.27 -14.48
CA ALA A 214 41.83 16.95 -14.38
C ALA A 214 40.56 16.85 -15.21
N LEU A 215 39.81 17.94 -15.32
CA LEU A 215 38.65 17.96 -16.21
C LEU A 215 39.08 17.89 -17.66
N GLU A 216 40.08 18.68 -18.06
CA GLU A 216 40.55 18.63 -19.44
C GLU A 216 41.11 17.26 -19.77
N THR A 217 41.78 16.62 -18.80
CA THR A 217 42.25 15.26 -19.02
C THR A 217 41.08 14.28 -19.14
N LEU A 218 40.07 14.41 -18.29
CA LEU A 218 38.89 13.56 -18.40
C LEU A 218 38.21 13.72 -19.76
N ASN A 219 38.01 14.97 -20.20
CA ASN A 219 37.30 15.20 -21.46
C ASN A 219 38.06 14.59 -22.64
N ARG A 220 39.39 14.74 -22.65
CA ARG A 220 40.15 14.22 -23.78
C ARG A 220 40.16 12.70 -23.81
N ALA A 221 39.94 12.04 -22.69
CA ALA A 221 40.04 10.59 -22.61
C ALA A 221 38.71 9.86 -22.59
N ALA A 222 37.64 10.49 -22.11
CA ALA A 222 36.42 9.77 -21.79
C ALA A 222 35.22 10.19 -22.64
N VAL A 223 35.34 11.19 -23.49
CA VAL A 223 34.20 11.66 -24.28
C VAL A 223 34.03 10.76 -25.51
N ARG A 224 33.00 9.93 -25.48
CA ARG A 224 32.72 8.96 -26.54
C ARG A 224 31.21 8.89 -26.69
N PRO A 225 30.63 9.63 -27.66
CA PRO A 225 29.15 9.73 -27.71
C PRO A 225 28.45 8.38 -27.85
N ASP A 226 29.01 7.47 -28.64
CA ASP A 226 28.35 6.18 -28.83
C ASP A 226 28.49 5.26 -27.65
N GLY A 227 29.17 5.68 -26.57
CA GLY A 227 29.44 4.80 -25.45
C GLY A 227 28.19 4.28 -24.75
N GLY A 228 27.05 4.96 -24.93
CA GLY A 228 25.84 4.52 -24.26
C GLY A 228 25.13 3.35 -24.88
N GLU A 229 25.46 2.99 -26.12
CA GLU A 229 24.83 1.86 -26.81
C GLU A 229 25.64 0.57 -26.70
N GLU A 230 26.79 0.61 -26.04
CA GLU A 230 27.60 -0.58 -25.85
C GLU A 230 26.95 -1.48 -24.79
N PRO A 231 27.04 -2.80 -24.96
CA PRO A 231 26.34 -3.70 -24.04
C PRO A 231 26.96 -3.66 -22.64
N GLY A 232 26.13 -3.97 -21.65
CA GLY A 232 26.59 -3.95 -20.28
C GLY A 232 26.80 -2.57 -19.71
N THR A 233 26.17 -1.56 -20.29
CA THR A 233 26.40 -0.16 -19.93
C THR A 233 25.15 0.41 -19.29
N LEU A 234 25.31 0.99 -18.11
CA LEU A 234 24.23 1.75 -17.48
C LEU A 234 24.41 3.22 -17.80
N ILE A 235 23.34 3.85 -18.28
CA ILE A 235 23.36 5.27 -18.62
C ILE A 235 22.86 6.06 -17.42
N LEU A 236 23.54 7.15 -17.12
CA LEU A 236 23.14 8.04 -16.02
C LEU A 236 22.83 9.40 -16.61
N THR A 237 21.70 9.96 -16.20
CA THR A 237 21.24 11.27 -16.68
C THR A 237 20.90 12.13 -15.48
N PRO A 238 20.99 13.46 -15.62
CA PRO A 238 20.58 14.31 -14.50
C PRO A 238 19.07 14.28 -14.24
N ARG A 239 18.24 14.26 -15.28
CA ARG A 239 16.80 14.41 -15.16
C ARG A 239 16.05 13.15 -15.57
N ARG A 240 14.84 12.98 -14.99
CA ARG A 240 14.07 11.77 -15.26
C ARG A 240 13.55 11.76 -16.69
N LYS A 241 13.10 12.91 -17.20
CA LYS A 241 12.62 12.97 -18.58
C LYS A 241 13.71 12.66 -19.58
N GLU A 242 14.97 12.91 -19.24
CA GLU A 242 16.06 12.54 -20.13
C GLU A 242 16.30 11.04 -20.13
N ALA A 243 16.08 10.39 -18.99
CA ALA A 243 16.18 8.94 -18.95
C ALA A 243 15.03 8.29 -19.69
N ASP A 244 13.87 8.94 -19.72
CA ASP A 244 12.73 8.36 -20.42
C ASP A 244 13.00 8.22 -21.90
N ALA A 245 13.56 9.26 -22.53
CA ALA A 245 13.82 9.22 -23.96
C ALA A 245 14.91 8.22 -24.30
N LEU A 246 15.88 8.05 -23.41
CA LEU A 246 16.92 7.06 -23.65
C LEU A 246 16.41 5.65 -23.46
N ASN A 247 15.52 5.45 -22.47
CA ASN A 247 14.97 4.14 -22.23
C ASN A 247 14.03 3.72 -23.36
N LEU A 248 13.24 4.66 -23.88
CA LEU A 248 12.32 4.34 -24.96
C LEU A 248 13.07 3.88 -26.21
N LYS A 249 14.32 4.29 -26.36
CA LYS A 249 15.13 3.79 -27.48
C LYS A 249 15.54 2.34 -27.28
N ARG A 250 16.00 1.96 -26.08
CA ARG A 250 16.33 0.56 -25.91
C ARG A 250 15.07 -0.31 -25.93
N LEU A 251 13.92 0.26 -25.57
CA LEU A 251 12.69 -0.53 -25.58
C LEU A 251 12.20 -0.76 -27.00
N GLU A 252 12.51 0.15 -27.93
CA GLU A 252 12.10 -0.05 -29.32
C GLU A 252 12.68 -1.34 -29.89
N ALA A 253 13.85 -1.77 -29.40
CA ALA A 253 14.56 -2.91 -29.94
C ALA A 253 14.10 -4.23 -29.34
N LEU A 254 13.25 -4.20 -28.33
CA LEU A 254 12.79 -5.43 -27.73
C LEU A 254 11.68 -6.05 -28.58
N PRO A 255 11.72 -7.36 -28.81
CA PRO A 255 10.73 -7.99 -29.68
C PRO A 255 9.40 -8.30 -29.02
N GLY A 256 9.20 -7.93 -27.76
CA GLY A 256 7.92 -8.19 -27.13
C GLY A 256 6.82 -7.30 -27.70
N LYS A 257 5.60 -7.75 -27.53
CA LYS A 257 4.43 -6.99 -27.90
C LYS A 257 4.14 -5.98 -26.78
N PRO A 258 4.07 -4.67 -27.06
CA PRO A 258 4.05 -3.68 -25.98
C PRO A 258 2.73 -3.67 -25.24
N LEU A 259 2.77 -3.11 -24.03
CA LEU A 259 1.55 -2.84 -23.28
C LEU A 259 1.71 -1.52 -22.52
N GLU A 260 0.70 -0.66 -22.64
CA GLU A 260 0.73 0.66 -22.03
C GLU A 260 -0.06 0.66 -20.72
N TYR A 261 0.51 1.26 -19.69
CA TYR A 261 -0.15 1.36 -18.40
C TYR A 261 -0.54 2.81 -18.19
N GLN A 262 -1.85 3.07 -18.18
CA GLN A 262 -2.40 4.41 -18.14
C GLN A 262 -2.62 4.86 -16.71
N ALA A 263 -1.95 5.95 -16.32
CA ALA A 263 -2.11 6.53 -15.00
C ALA A 263 -3.45 7.23 -14.86
N GLN A 264 -4.01 7.20 -13.65
CA GLN A 264 -5.16 8.01 -13.28
C GLN A 264 -4.65 9.20 -12.49
N VAL A 265 -4.87 10.41 -13.01
CA VAL A 265 -4.43 11.65 -12.37
C VAL A 265 -5.67 12.42 -11.95
N LYS A 266 -5.61 13.01 -10.74
CA LYS A 266 -6.74 13.71 -10.16
C LYS A 266 -6.24 14.96 -9.45
N GLY A 267 -6.88 16.09 -9.75
CA GLY A 267 -6.56 17.34 -9.09
C GLY A 267 -5.33 18.01 -9.70
N GLU A 268 -4.67 18.84 -8.87
CA GLU A 268 -3.44 19.52 -9.27
C GLU A 268 -2.28 18.56 -9.10
N PHE A 269 -1.78 18.04 -10.22
CA PHE A 269 -0.59 17.17 -10.23
C PHE A 269 0.06 17.36 -11.59
N ALA A 270 1.11 18.17 -11.64
CA ALA A 270 1.70 18.49 -12.93
C ALA A 270 2.61 17.36 -13.39
N GLU A 271 2.90 17.36 -14.70
CA GLU A 271 3.59 16.24 -15.33
C GLU A 271 5.06 16.17 -14.92
N THR A 272 5.67 17.31 -14.62
CA THR A 272 7.06 17.30 -14.16
C THR A 272 7.19 16.60 -12.82
N ASP A 273 6.10 16.51 -12.05
CA ASP A 273 6.11 15.87 -10.74
C ASP A 273 5.79 14.39 -10.81
N PHE A 274 5.44 13.88 -11.98
CA PHE A 274 5.14 12.46 -12.12
C PHE A 274 6.37 11.64 -11.76
N PRO A 275 6.23 10.58 -10.94
CA PRO A 275 7.38 9.71 -10.66
C PRO A 275 7.68 8.75 -11.78
N THR A 276 6.72 8.51 -12.66
CA THR A 276 6.93 7.72 -13.87
C THR A 276 5.91 8.20 -14.90
N GLU A 277 6.17 7.90 -16.16
CA GLU A 277 5.33 8.45 -17.22
C GLU A 277 3.88 8.01 -17.05
N ALA A 278 2.95 8.89 -17.43
CA ALA A 278 1.53 8.60 -17.27
C ALA A 278 1.07 7.56 -18.27
N ALA A 279 1.58 7.61 -19.50
CA ALA A 279 1.39 6.54 -20.48
C ALA A 279 2.64 5.66 -20.48
N LEU A 280 2.75 4.83 -19.45
CA LEU A 280 3.94 4.00 -19.27
C LEU A 280 3.83 2.76 -20.13
N THR A 281 4.67 2.65 -21.15
CA THR A 281 4.68 1.48 -22.02
C THR A 281 5.83 0.56 -21.66
N LEU A 282 5.55 -0.74 -21.64
CA LEU A 282 6.53 -1.74 -21.24
C LEU A 282 6.41 -2.96 -22.15
N LYS A 283 7.48 -3.75 -22.19
CA LYS A 283 7.50 -5.03 -22.91
C LYS A 283 8.15 -6.08 -22.01
N LYS A 284 7.94 -7.34 -22.35
CA LYS A 284 8.55 -8.40 -21.56
C LYS A 284 10.04 -8.43 -21.82
N GLY A 285 10.82 -8.61 -20.74
CA GLY A 285 12.26 -8.57 -20.80
C GLY A 285 12.85 -7.21 -20.53
N ALA A 286 12.03 -6.19 -20.38
CA ALA A 286 12.53 -4.84 -20.18
C ALA A 286 13.17 -4.67 -18.81
N GLN A 287 14.21 -3.84 -18.76
CA GLN A 287 14.90 -3.57 -17.51
C GLN A 287 14.24 -2.39 -16.80
N VAL A 288 13.87 -2.60 -15.53
CA VAL A 288 13.08 -1.63 -14.78
C VAL A 288 13.64 -1.49 -13.37
N ILE A 289 13.27 -0.39 -12.72
CA ILE A 289 13.49 -0.18 -11.30
C ILE A 289 12.14 0.10 -10.65
N LEU A 290 11.89 -0.51 -9.49
CA LEU A 290 10.63 -0.30 -8.79
C LEU A 290 10.73 0.94 -7.90
N LEU A 291 9.59 1.63 -7.74
CA LEU A 291 9.56 2.96 -7.15
C LEU A 291 8.86 3.03 -5.80
N ARG A 292 8.29 1.93 -5.30
CA ARG A 292 7.60 1.97 -4.02
C ARG A 292 7.86 0.66 -3.29
N ASN A 293 7.65 0.69 -1.97
CA ASN A 293 7.87 -0.48 -1.14
C ASN A 293 6.62 -1.36 -1.13
N ASP A 294 6.84 -2.67 -1.21
CA ASP A 294 5.73 -3.62 -1.12
C ASP A 294 5.16 -3.66 0.29
N PRO A 295 3.85 -3.51 0.46
CA PRO A 295 3.26 -3.69 1.81
C PRO A 295 3.55 -5.02 2.42
N LEU A 296 3.77 -6.06 1.61
CA LEU A 296 4.05 -7.39 2.11
C LEU A 296 5.53 -7.65 2.34
N GLY A 297 6.41 -6.83 1.78
CA GLY A 297 7.82 -6.96 2.01
C GLY A 297 8.60 -7.64 0.89
N GLU A 298 7.92 -7.99 -0.22
CA GLU A 298 8.59 -8.74 -1.29
C GLU A 298 9.45 -7.86 -2.20
N TYR A 299 9.21 -6.55 -2.25
CA TYR A 299 10.05 -5.68 -3.05
C TYR A 299 10.08 -4.29 -2.42
N PHE A 300 11.07 -3.50 -2.85
CA PHE A 300 11.35 -2.20 -2.23
C PHE A 300 11.62 -1.16 -3.30
N ASN A 301 11.34 0.10 -2.95
CA ASN A 301 11.81 1.23 -3.73
C ASN A 301 13.31 1.09 -3.98
N GLY A 302 13.71 1.02 -5.25
CA GLY A 302 15.10 0.85 -5.62
C GLY A 302 15.46 -0.51 -6.15
N ASP A 303 14.56 -1.50 -6.05
CA ASP A 303 14.84 -2.82 -6.60
C ASP A 303 14.94 -2.77 -8.11
N LEU A 304 16.00 -3.36 -8.66
CA LEU A 304 16.13 -3.51 -10.10
C LEU A 304 15.64 -4.90 -10.51
N GLY A 305 15.22 -5.02 -11.76
CA GLY A 305 14.72 -6.30 -12.23
C GLY A 305 14.20 -6.15 -13.64
N TRP A 306 13.65 -7.25 -14.15
CA TRP A 306 13.17 -7.29 -15.52
C TRP A 306 11.75 -7.81 -15.55
N VAL A 307 11.00 -7.36 -16.57
CA VAL A 307 9.60 -7.72 -16.69
C VAL A 307 9.47 -9.15 -17.18
N GLU A 308 8.62 -9.93 -16.52
CA GLU A 308 8.30 -11.29 -16.94
C GLU A 308 6.93 -11.42 -17.57
N ASP A 309 5.92 -10.80 -16.96
CA ASP A 309 4.55 -10.83 -17.47
C ASP A 309 3.93 -9.44 -17.35
N LEU A 310 3.03 -9.12 -18.28
CA LEU A 310 2.31 -7.86 -18.27
C LEU A 310 0.83 -8.13 -18.44
N GLU A 311 0.03 -7.67 -17.49
CA GLU A 311 -1.42 -7.83 -17.56
C GLU A 311 -2.08 -6.54 -17.12
N ALA A 312 -3.42 -6.53 -17.16
CA ALA A 312 -4.21 -5.31 -17.13
C ALA A 312 -3.73 -4.32 -16.07
N GLU A 313 -3.78 -4.71 -14.80
CA GLU A 313 -3.31 -3.82 -13.75
C GLU A 313 -2.35 -4.54 -12.83
N ALA A 314 -1.56 -5.44 -13.41
CA ALA A 314 -0.65 -6.27 -12.64
C ALA A 314 0.41 -6.81 -13.58
N LEU A 315 1.66 -6.81 -13.11
CA LEU A 315 2.74 -7.39 -13.88
C LEU A 315 3.70 -8.14 -12.96
N ALA A 316 4.48 -9.02 -13.55
CA ALA A 316 5.49 -9.77 -12.83
C ALA A 316 6.87 -9.21 -13.15
N VAL A 317 7.71 -9.12 -12.12
CA VAL A 317 9.07 -8.59 -12.25
C VAL A 317 10.01 -9.58 -11.59
N ARG A 318 11.04 -9.98 -12.33
CA ARG A 318 12.10 -10.84 -11.81
C ARG A 318 13.17 -9.94 -11.21
N LEU A 319 13.37 -10.05 -9.90
CA LEU A 319 14.23 -9.12 -9.18
C LEU A 319 15.68 -9.54 -9.29
N LYS A 320 16.56 -8.56 -9.56
CA LYS A 320 17.99 -8.85 -9.58
C LYS A 320 18.51 -9.18 -8.18
N ARG A 321 17.89 -8.59 -7.15
CA ARG A 321 18.40 -8.71 -5.80
C ARG A 321 18.42 -10.16 -5.33
N ASN A 322 17.33 -10.90 -5.57
CA ASN A 322 17.23 -12.25 -5.03
C ASN A 322 16.69 -13.26 -6.04
N GLY A 323 16.62 -12.91 -7.32
CA GLY A 323 16.15 -13.83 -8.33
C GLY A 323 14.72 -14.30 -8.15
N ARG A 324 13.97 -13.64 -7.28
CA ARG A 324 12.57 -13.98 -7.03
C ARG A 324 11.65 -13.16 -7.94
N ARG A 325 10.46 -13.70 -8.18
CA ARG A 325 9.43 -13.09 -9.02
C ARG A 325 8.38 -12.45 -8.13
N VAL A 326 8.10 -11.16 -8.36
CA VAL A 326 7.15 -10.40 -7.56
C VAL A 326 6.11 -9.79 -8.47
N VAL A 327 4.90 -9.59 -7.93
CA VAL A 327 3.79 -9.03 -8.69
C VAL A 327 3.55 -7.59 -8.26
N ILE A 328 3.45 -6.69 -9.24
CA ILE A 328 3.38 -5.26 -9.03
C ILE A 328 1.96 -4.78 -9.36
N ARG A 329 1.40 -3.94 -8.50
CA ARG A 329 0.07 -3.39 -8.69
C ARG A 329 0.14 -1.88 -8.55
N PRO A 330 -0.89 -1.16 -9.00
CA PRO A 330 -0.84 0.30 -8.93
C PRO A 330 -0.72 0.82 -7.51
N PHE A 331 0.07 1.89 -7.34
CA PHE A 331 0.22 2.62 -6.09
C PHE A 331 -0.31 4.04 -6.28
N VAL A 332 -0.50 4.75 -5.16
CA VAL A 332 -0.97 6.14 -5.20
C VAL A 332 0.11 7.04 -4.62
N TRP A 333 0.39 8.15 -5.33
CA TRP A 333 1.25 9.23 -4.86
C TRP A 333 0.40 10.48 -4.64
N GLU A 334 0.63 11.17 -3.52
CA GLU A 334 0.00 12.46 -3.26
C GLU A 334 0.94 13.59 -3.66
N LYS A 335 0.37 14.73 -4.01
CA LYS A 335 1.12 15.95 -4.24
C LYS A 335 0.78 16.90 -3.10
N ILE A 336 1.78 17.24 -2.28
CA ILE A 336 1.59 18.08 -1.11
C ILE A 336 2.20 19.44 -1.39
N VAL A 337 1.47 20.51 -1.06
CA VAL A 337 1.98 21.87 -1.19
C VAL A 337 1.85 22.58 0.15
N TYR A 338 2.61 23.66 0.30
CA TYR A 338 2.70 24.41 1.54
C TYR A 338 2.33 25.85 1.26
N THR A 339 1.41 26.39 2.04
CA THR A 339 0.98 27.76 1.92
C THR A 339 1.21 28.48 3.24
N TYR A 340 1.51 29.77 3.16
CA TYR A 340 1.59 30.64 4.32
C TYR A 340 0.24 31.26 4.69
N ASP A 341 -0.84 30.84 4.04
CA ASP A 341 -2.13 31.51 4.21
C ASP A 341 -2.61 31.47 5.66
N SER A 342 -3.05 32.64 6.16
CA SER A 342 -2.92 33.88 5.41
C SER A 342 -1.91 34.82 6.05
N GLU A 343 -2.11 35.13 7.34
CA GLU A 343 -1.16 35.96 8.07
C GLU A 343 -0.92 35.43 9.48
N ARG A 344 -1.11 34.14 9.69
CA ARG A 344 -0.59 33.45 10.86
C ARG A 344 0.92 33.33 10.74
N GLU A 345 1.54 32.74 11.76
CA GLU A 345 3.00 32.63 11.80
C GLU A 345 3.47 31.24 11.44
N GLU A 346 2.74 30.54 10.57
CA GLU A 346 3.05 29.15 10.25
C GLU A 346 2.64 28.85 8.81
N ILE A 347 3.25 27.82 8.26
CA ILE A 347 2.86 27.30 6.96
C ILE A 347 2.27 25.92 7.16
N LYS A 348 1.38 25.53 6.25
CA LYS A 348 0.62 24.31 6.40
C LYS A 348 0.73 23.48 5.12
N PRO A 349 0.86 22.16 5.24
CA PRO A 349 0.82 21.30 4.07
C PRO A 349 -0.60 20.91 3.71
N GLN A 350 -0.82 20.66 2.43
CA GLN A 350 -2.13 20.28 1.93
C GLN A 350 -1.93 19.37 0.73
N VAL A 351 -2.76 18.34 0.64
CA VAL A 351 -2.75 17.47 -0.53
C VAL A 351 -3.58 18.14 -1.62
N VAL A 352 -3.03 18.26 -2.82
CA VAL A 352 -3.72 18.92 -3.92
C VAL A 352 -3.91 18.04 -5.14
N GLY A 353 -3.29 16.86 -5.19
CA GLY A 353 -3.52 15.96 -6.31
C GLY A 353 -2.96 14.59 -6.00
N THR A 354 -3.42 13.61 -6.78
CA THR A 354 -2.93 12.24 -6.64
C THR A 354 -2.66 11.63 -8.01
N PHE A 355 -1.78 10.63 -8.02
CA PHE A 355 -1.28 10.00 -9.23
C PHE A 355 -1.27 8.50 -8.99
N ARG A 356 -2.11 7.77 -9.71
CA ARG A 356 -2.21 6.32 -9.54
C ARG A 356 -1.61 5.65 -10.76
N GLN A 357 -0.57 4.85 -10.54
CA GLN A 357 0.17 4.19 -11.60
C GLN A 357 0.97 3.06 -10.98
N VAL A 358 1.29 2.07 -11.81
CA VAL A 358 2.27 1.05 -11.43
C VAL A 358 3.54 1.73 -10.97
N PRO A 359 4.14 1.32 -9.84
CA PRO A 359 5.42 1.90 -9.39
C PRO A 359 6.61 1.28 -10.10
N VAL A 360 6.67 1.50 -11.41
CA VAL A 360 7.69 0.93 -12.28
C VAL A 360 8.20 2.01 -13.21
N ARG A 361 9.48 1.94 -13.55
CA ARG A 361 10.05 2.82 -14.55
C ARG A 361 11.24 2.12 -15.18
N LEU A 362 11.45 2.36 -16.48
CA LEU A 362 12.52 1.71 -17.21
C LEU A 362 13.88 2.17 -16.68
N ALA A 363 14.86 1.25 -16.71
CA ALA A 363 16.08 1.48 -15.96
C ALA A 363 17.34 1.08 -16.72
N TRP A 364 17.30 1.13 -18.06
CA TRP A 364 18.56 1.11 -18.80
C TRP A 364 19.33 2.41 -18.58
N ALA A 365 18.61 3.51 -18.38
CA ALA A 365 19.16 4.78 -17.91
C ALA A 365 18.46 5.20 -16.62
N LEU A 366 19.25 5.65 -15.65
CA LEU A 366 18.75 6.08 -14.35
C LEU A 366 19.22 7.49 -14.05
N THR A 367 18.59 8.11 -13.05
CA THR A 367 19.08 9.39 -12.59
C THR A 367 20.34 9.18 -11.78
N VAL A 368 21.19 10.21 -11.75
CA VAL A 368 22.42 10.11 -10.97
C VAL A 368 22.09 9.93 -9.50
N HIS A 369 20.94 10.47 -9.07
CA HIS A 369 20.53 10.33 -7.67
C HIS A 369 20.30 8.87 -7.30
N LYS A 370 19.64 8.11 -8.18
CA LYS A 370 19.38 6.69 -7.96
C LYS A 370 20.64 5.82 -8.06
N ALA A 371 21.80 6.41 -8.37
CA ALA A 371 23.04 5.65 -8.50
C ALA A 371 24.06 5.92 -7.41
N GLN A 372 23.84 6.91 -6.54
CA GLN A 372 24.82 7.16 -5.49
C GLN A 372 24.85 5.99 -4.53
N GLY A 373 26.04 5.40 -4.35
CA GLY A 373 26.22 4.24 -3.50
C GLY A 373 26.57 2.98 -4.27
N LEU A 374 26.29 2.94 -5.56
CA LEU A 374 26.50 1.76 -6.37
C LEU A 374 27.89 1.72 -6.97
N THR A 375 28.42 0.51 -7.10
CA THR A 375 29.54 0.21 -7.99
C THR A 375 28.98 -0.40 -9.27
N LEU A 376 29.17 0.29 -10.38
CA LEU A 376 28.67 -0.17 -11.67
C LEU A 376 29.83 -0.68 -12.51
N ASP A 377 29.54 -1.67 -13.35
CA ASP A 377 30.58 -2.22 -14.20
C ASP A 377 30.93 -1.27 -15.32
N LYS A 378 29.94 -0.60 -15.92
CA LYS A 378 30.20 0.31 -17.03
C LYS A 378 29.13 1.40 -17.03
N VAL A 379 29.57 2.66 -17.12
CA VAL A 379 28.67 3.80 -17.05
C VAL A 379 28.94 4.71 -18.23
N HIS A 380 27.88 5.30 -18.76
CA HIS A 380 27.96 6.36 -19.75
C HIS A 380 27.11 7.52 -19.23
N LEU A 381 27.70 8.70 -19.13
CA LEU A 381 26.99 9.86 -18.60
C LEU A 381 26.41 10.67 -19.75
N GLU A 382 25.08 10.70 -19.86
CA GLU A 382 24.38 11.55 -20.82
C GLU A 382 24.05 12.87 -20.14
N LEU A 383 24.75 13.93 -20.55
CA LEU A 383 24.63 15.19 -19.83
C LEU A 383 23.30 15.88 -20.08
N GLY A 384 22.65 15.62 -21.21
CA GLY A 384 21.33 16.18 -21.44
C GLY A 384 21.38 17.70 -21.43
N ARG A 385 20.47 18.29 -20.66
CA ARG A 385 20.41 19.74 -20.51
C ARG A 385 21.33 20.25 -19.40
N GLY A 386 22.13 19.39 -18.79
CA GLY A 386 23.22 19.83 -17.93
C GLY A 386 23.04 19.35 -16.50
N LEU A 387 24.10 19.57 -15.73
CA LEU A 387 24.11 19.32 -14.30
C LEU A 387 23.45 20.46 -13.53
N PHE A 388 22.78 20.11 -12.43
CA PHE A 388 22.10 21.12 -11.61
C PHE A 388 22.34 20.98 -10.12
N ALA A 389 23.00 19.92 -9.66
CA ALA A 389 23.10 19.61 -8.23
C ALA A 389 24.56 19.47 -7.81
N HIS A 390 24.87 20.02 -6.64
CA HIS A 390 26.19 19.85 -6.05
C HIS A 390 26.48 18.36 -5.90
N GLY A 391 27.64 17.94 -6.37
CA GLY A 391 28.05 16.55 -6.25
C GLY A 391 27.57 15.64 -7.36
N GLN A 392 26.69 16.13 -8.24
CA GLN A 392 26.14 15.29 -9.30
C GLN A 392 27.23 14.73 -10.20
N LEU A 393 28.06 15.62 -10.75
CA LEU A 393 29.12 15.18 -11.65
C LEU A 393 30.04 14.17 -10.98
N TYR A 394 30.41 14.45 -9.73
CA TYR A 394 31.38 13.59 -9.06
C TYR A 394 30.81 12.21 -8.82
N VAL A 395 29.51 12.12 -8.50
CA VAL A 395 28.90 10.82 -8.28
C VAL A 395 28.89 10.03 -9.58
N ALA A 396 28.49 10.65 -10.68
CA ALA A 396 28.41 9.96 -11.96
C ALA A 396 29.75 9.37 -12.37
N LEU A 397 30.85 10.07 -12.07
CA LEU A 397 32.17 9.63 -12.51
C LEU A 397 32.79 8.58 -11.60
N THR A 398 32.33 8.45 -10.37
CA THR A 398 32.99 7.59 -9.41
C THR A 398 32.29 6.25 -9.23
N ARG A 399 31.33 5.91 -10.11
CA ARG A 399 30.62 4.65 -9.98
C ARG A 399 31.43 3.45 -10.46
N VAL A 400 32.46 3.67 -11.29
CA VAL A 400 33.15 2.57 -11.96
C VAL A 400 34.56 2.38 -11.37
N ARG A 401 35.13 1.20 -11.61
CA ARG A 401 36.44 0.86 -11.08
C ARG A 401 37.59 1.31 -11.96
N ARG A 402 37.39 1.40 -13.28
CA ARG A 402 38.44 1.73 -14.22
C ARG A 402 37.99 2.84 -15.13
N LEU A 403 38.95 3.64 -15.61
CA LEU A 403 38.59 4.73 -16.51
C LEU A 403 38.00 4.22 -17.81
N GLN A 404 38.45 3.05 -18.30
CA GLN A 404 37.90 2.48 -19.52
C GLN A 404 36.44 2.09 -19.39
N ASP A 405 35.92 2.01 -18.15
CA ASP A 405 34.52 1.70 -17.90
C ASP A 405 33.61 2.93 -17.97
N LEU A 406 34.16 4.11 -18.23
CA LEU A 406 33.42 5.37 -18.14
C LEU A 406 33.45 6.10 -19.48
N SER A 407 32.29 6.57 -19.93
CA SER A 407 32.23 7.43 -21.12
C SER A 407 31.26 8.56 -20.85
N LEU A 408 31.40 9.64 -21.62
CA LEU A 408 30.52 10.80 -21.52
C LEU A 408 30.01 11.20 -22.90
N SER A 409 28.82 11.77 -22.93
CA SER A 409 28.23 12.16 -24.21
C SER A 409 28.84 13.44 -24.79
N ARG A 410 29.43 14.30 -23.97
CA ARG A 410 30.05 15.53 -24.45
C ARG A 410 31.06 16.00 -23.42
N PRO A 411 32.05 16.81 -23.81
CA PRO A 411 32.98 17.34 -22.81
C PRO A 411 32.27 18.29 -21.85
N ILE A 412 32.89 18.49 -20.69
CA ILE A 412 32.32 19.26 -19.60
C ILE A 412 33.16 20.51 -19.37
N ALA A 413 32.50 21.67 -19.33
CA ALA A 413 33.18 22.93 -19.12
C ALA A 413 33.36 23.17 -17.62
N PRO A 414 34.43 23.85 -17.22
CA PRO A 414 34.63 24.10 -15.79
C PRO A 414 33.53 24.95 -15.18
N THR A 415 32.87 25.76 -16.00
CA THR A 415 31.76 26.58 -15.53
C THR A 415 30.52 25.75 -15.17
N GLU A 416 30.54 24.44 -15.44
CA GLU A 416 29.47 23.56 -15.02
C GLU A 416 29.67 23.01 -13.61
N LEU A 417 30.87 23.14 -13.05
CA LEU A 417 31.10 22.64 -11.71
C LEU A 417 30.41 23.53 -10.67
N LEU A 418 29.63 22.92 -9.79
CA LEU A 418 28.93 23.63 -8.73
C LEU A 418 29.61 23.36 -7.38
N TRP A 419 29.61 24.36 -6.52
CA TRP A 419 30.20 24.22 -5.18
C TRP A 419 29.33 24.96 -4.18
N ARG A 420 28.96 24.27 -3.10
CA ARG A 420 28.20 24.90 -2.02
C ARG A 420 29.17 25.37 -0.94
N PRO A 421 29.14 26.64 -0.55
CA PRO A 421 30.07 27.07 0.51
C PRO A 421 29.78 26.42 1.85
N GLU A 422 28.56 25.91 2.05
CA GLU A 422 28.26 25.18 3.29
C GLU A 422 29.15 23.97 3.46
N VAL A 423 29.53 23.33 2.35
CA VAL A 423 30.30 22.11 2.42
C VAL A 423 31.79 22.40 2.57
N GLU A 424 32.23 23.60 2.18
CA GLU A 424 33.64 23.94 2.32
C GLU A 424 33.99 24.29 3.76
N VAL A 425 33.09 24.95 4.49
CA VAL A 425 33.34 25.21 5.90
C VAL A 425 33.27 23.91 6.70
N PHE A 426 32.32 23.04 6.35
CA PHE A 426 32.21 21.76 7.04
C PHE A 426 33.45 20.90 6.82
N GLU A 427 33.83 20.73 5.55
CA GLU A 427 35.03 19.97 5.24
C GLU A 427 36.26 20.57 5.91
N THR A 428 36.26 21.89 6.10
CA THR A 428 37.40 22.53 6.74
C THR A 428 37.43 22.19 8.23
N ARG A 429 36.33 22.44 8.93
CA ARG A 429 36.33 22.26 10.38
C ARG A 429 36.50 20.79 10.78
N ILE A 430 35.99 19.85 10.00
CA ILE A 430 36.07 18.44 10.42
C ILE A 430 37.44 17.83 10.16
N GLN A 431 38.39 18.59 9.61
CA GLN A 431 39.75 18.09 9.57
C GLN A 431 40.35 18.03 10.96
N GLU A 432 39.79 18.78 11.91
CA GLU A 432 40.19 18.72 13.31
C GLU A 432 39.65 17.51 14.05
N GLY A 433 38.95 16.60 13.34
CA GLY A 433 38.44 15.37 13.91
C GLY A 433 37.13 15.50 14.65
N ILE A 434 36.52 16.68 14.65
CA ILE A 434 35.35 16.98 15.47
C ILE A 434 34.46 17.94 14.69
N TRP A 435 33.14 17.77 14.85
CA TRP A 435 32.17 18.76 14.41
C TRP A 435 31.22 19.02 15.58
N GLN A 436 31.26 20.24 16.10
CA GLN A 436 30.26 20.70 17.05
C GLN A 436 29.71 22.03 16.53
N LYS A 437 28.39 22.10 16.42
CA LYS A 437 27.74 23.24 15.79
C LYS A 437 27.68 24.41 16.76
N SER A 438 28.08 25.59 16.28
CA SER A 438 28.14 26.79 17.11
C SER A 438 26.78 27.48 17.16
N HIS A 439 26.62 28.34 18.15
CA HIS A 439 25.46 29.21 18.27
C HIS A 439 24.15 28.44 18.32
N GLY B 4 -45.95 -2.42 2.46
CA GLY B 4 -46.07 -2.28 1.02
C GLY B 4 -44.77 -1.87 0.37
N LEU B 5 -44.57 -2.30 -0.89
CA LEU B 5 -43.41 -1.86 -1.65
C LEU B 5 -43.64 -0.45 -2.18
N SER B 6 -42.68 0.04 -2.95
CA SER B 6 -42.82 1.28 -3.69
C SER B 6 -43.03 0.97 -5.16
N SER B 7 -43.32 2.03 -5.93
CA SER B 7 -43.70 1.85 -7.33
C SER B 7 -42.56 1.23 -8.14
N GLU B 8 -41.36 1.78 -8.02
CA GLU B 8 -40.25 1.31 -8.84
C GLU B 8 -39.77 -0.08 -8.44
N GLN B 9 -39.97 -0.50 -7.18
CA GLN B 9 -39.52 -1.83 -6.83
C GLN B 9 -40.51 -2.89 -7.27
N GLN B 10 -41.82 -2.65 -7.12
CA GLN B 10 -42.74 -3.63 -7.70
C GLN B 10 -42.79 -3.50 -9.22
N ARG B 11 -42.43 -2.35 -9.78
CA ARG B 11 -42.21 -2.27 -11.22
C ARG B 11 -41.08 -3.21 -11.63
N ALA B 12 -39.99 -3.24 -10.85
CA ALA B 12 -38.90 -4.15 -11.12
C ALA B 12 -39.17 -5.57 -10.60
N PHE B 13 -39.98 -5.69 -9.55
CA PHE B 13 -40.33 -7.01 -9.04
C PHE B 13 -41.02 -7.84 -10.13
N LEU B 14 -42.08 -7.29 -10.74
CA LEU B 14 -42.78 -8.06 -11.75
C LEU B 14 -42.01 -8.12 -13.06
N ALA B 15 -41.18 -7.11 -13.35
CA ALA B 15 -40.36 -7.09 -14.56
C ALA B 15 -39.32 -8.20 -14.52
N VAL B 16 -39.26 -8.90 -13.39
CA VAL B 16 -38.33 -10.00 -13.17
C VAL B 16 -39.05 -11.33 -13.01
N THR B 17 -40.19 -11.33 -12.31
CA THR B 17 -40.94 -12.54 -12.07
C THR B 17 -41.87 -12.94 -13.21
N GLN B 18 -42.25 -12.00 -14.08
CA GLN B 18 -43.18 -12.26 -15.16
C GLN B 18 -42.46 -12.55 -16.48
N THR B 19 -41.15 -12.70 -16.46
CA THR B 19 -40.37 -12.88 -17.66
C THR B 19 -39.66 -14.24 -17.67
N PRO B 20 -39.47 -14.83 -18.84
CA PRO B 20 -38.65 -16.05 -18.94
C PRO B 20 -37.16 -15.79 -19.12
N HIS B 21 -36.72 -14.54 -19.15
CA HIS B 21 -35.30 -14.26 -19.28
C HIS B 21 -34.56 -14.81 -18.06
N PRO B 22 -33.36 -15.38 -18.24
CA PRO B 22 -32.68 -16.03 -17.12
C PRO B 22 -31.75 -15.17 -16.28
N ALA B 23 -31.37 -13.98 -16.75
CA ALA B 23 -30.36 -13.16 -16.06
C ALA B 23 -30.89 -11.76 -15.82
N HIS B 24 -30.98 -11.37 -14.55
CA HIS B 24 -31.44 -10.05 -14.16
C HIS B 24 -30.53 -9.44 -13.11
N LEU B 25 -30.38 -8.13 -13.20
CA LEU B 25 -29.64 -7.34 -12.23
C LEU B 25 -30.52 -6.18 -11.81
N ILE B 26 -30.63 -5.98 -10.50
CA ILE B 26 -31.43 -4.90 -9.93
C ILE B 26 -30.47 -4.03 -9.13
N THR B 27 -30.03 -2.93 -9.73
CA THR B 27 -29.06 -2.05 -9.07
C THR B 27 -29.69 -0.71 -8.72
N GLY B 28 -29.13 -0.08 -7.70
CA GLY B 28 -29.60 1.21 -7.24
C GLY B 28 -28.70 1.73 -6.14
N PRO B 29 -28.69 3.04 -5.93
CA PRO B 29 -27.92 3.61 -4.82
C PRO B 29 -28.31 2.98 -3.49
N ALA B 30 -27.47 3.23 -2.50
CA ALA B 30 -27.66 2.65 -1.17
C ALA B 30 -29.03 3.02 -0.60
N GLY B 31 -29.69 2.03 -0.03
CA GLY B 31 -30.95 2.27 0.64
C GLY B 31 -32.15 2.43 -0.25
N THR B 32 -32.07 2.03 -1.54
CA THR B 32 -33.22 2.08 -2.44
C THR B 32 -34.18 0.93 -2.24
N GLY B 33 -33.96 0.07 -1.25
CA GLY B 33 -34.84 -1.06 -1.03
C GLY B 33 -34.50 -2.29 -1.83
N LYS B 34 -33.26 -2.43 -2.29
CA LYS B 34 -32.88 -3.61 -3.05
C LYS B 34 -33.07 -4.87 -2.21
N THR B 35 -32.52 -4.87 -0.99
CA THR B 35 -32.59 -6.07 -0.17
C THR B 35 -33.99 -6.32 0.37
N THR B 36 -34.80 -5.27 0.55
CA THR B 36 -36.18 -5.52 0.92
C THR B 36 -37.00 -5.98 -0.28
N LEU B 37 -36.68 -5.51 -1.48
CA LEU B 37 -37.24 -6.12 -2.68
C LEU B 37 -36.91 -7.61 -2.74
N LEU B 38 -35.74 -7.99 -2.21
CA LEU B 38 -35.34 -9.39 -2.18
C LEU B 38 -36.27 -10.22 -1.29
N TYR B 39 -36.77 -9.64 -0.19
CA TYR B 39 -37.65 -10.41 0.69
C TYR B 39 -38.93 -10.80 -0.04
N ALA B 40 -39.44 -9.93 -0.91
CA ALA B 40 -40.68 -10.23 -1.62
C ALA B 40 -40.48 -11.36 -2.63
N LEU B 41 -39.30 -11.39 -3.27
CA LEU B 41 -39.00 -12.48 -4.20
C LEU B 41 -38.81 -13.81 -3.50
N GLN B 42 -38.48 -13.80 -2.21
CA GLN B 42 -38.46 -15.03 -1.43
C GLN B 42 -39.86 -15.56 -1.19
N GLU B 43 -40.89 -14.70 -1.25
CA GLU B 43 -42.25 -15.18 -1.14
C GLU B 43 -42.75 -15.75 -2.46
N PHE B 44 -42.49 -15.06 -3.57
CA PHE B 44 -42.94 -15.53 -4.88
C PHE B 44 -42.22 -16.82 -5.28
N TYR B 45 -40.98 -16.99 -4.83
CA TYR B 45 -40.11 -18.11 -5.19
C TYR B 45 -39.75 -18.96 -3.97
N LYS B 46 -40.74 -19.25 -3.12
CA LYS B 46 -40.49 -19.70 -1.75
C LYS B 46 -39.43 -20.81 -1.66
N GLY B 47 -39.69 -21.96 -2.26
CA GLY B 47 -38.74 -23.08 -2.17
C GLY B 47 -37.91 -23.19 -3.42
N ARG B 48 -38.43 -22.61 -4.50
CA ARG B 48 -37.76 -22.58 -5.79
C ARG B 48 -36.47 -21.79 -5.77
N ALA B 49 -36.25 -20.95 -4.74
CA ALA B 49 -35.17 -19.99 -4.72
C ALA B 49 -34.20 -20.26 -3.58
N VAL B 50 -32.94 -19.95 -3.83
CA VAL B 50 -31.89 -19.96 -2.82
C VAL B 50 -31.18 -18.61 -2.88
N THR B 51 -31.17 -17.90 -1.77
CA THR B 51 -30.55 -16.60 -1.69
C THR B 51 -29.14 -16.72 -1.12
N LEU B 52 -28.20 -16.02 -1.74
CA LEU B 52 -26.78 -16.05 -1.34
C LEU B 52 -26.24 -14.64 -1.27
N ALA B 53 -25.04 -14.50 -0.71
CA ALA B 53 -24.39 -13.20 -0.63
C ALA B 53 -22.90 -13.41 -0.38
N PRO B 54 -22.05 -12.45 -0.77
CA PRO B 54 -20.60 -12.69 -0.60
C PRO B 54 -20.13 -12.67 0.84
N THR B 55 -20.59 -11.72 1.66
CA THR B 55 -20.15 -11.64 3.05
C THR B 55 -21.19 -12.25 3.98
N GLY B 56 -20.75 -12.49 5.22
CA GLY B 56 -21.65 -13.05 6.21
C GLY B 56 -22.72 -12.07 6.63
N THR B 57 -22.31 -10.83 6.93
CA THR B 57 -23.28 -9.80 7.31
C THR B 57 -24.29 -9.53 6.20
N ALA B 58 -23.83 -9.53 4.95
CA ALA B 58 -24.75 -9.42 3.81
C ALA B 58 -25.67 -10.63 3.73
N ALA B 59 -25.13 -11.82 3.98
CA ALA B 59 -25.92 -13.03 3.84
C ALA B 59 -27.00 -13.12 4.91
N LEU B 60 -26.69 -12.69 6.15
CA LEU B 60 -27.69 -12.72 7.20
C LEU B 60 -28.76 -11.66 6.96
N GLN B 61 -28.32 -10.45 6.56
CA GLN B 61 -29.25 -9.39 6.20
C GLN B 61 -30.15 -9.80 5.04
N ALA B 62 -29.71 -10.75 4.23
CA ALA B 62 -30.50 -11.23 3.09
C ALA B 62 -31.27 -12.49 3.42
N ARG B 63 -31.20 -12.95 4.67
CA ARG B 63 -31.87 -14.19 5.10
C ARG B 63 -31.42 -15.38 4.26
N GLY B 64 -30.13 -15.40 3.93
CA GLY B 64 -29.57 -16.43 3.08
C GLY B 64 -28.29 -16.99 3.66
N GLN B 65 -27.43 -17.48 2.77
CA GLN B 65 -26.13 -18.03 3.12
C GLN B 65 -25.06 -17.32 2.32
N THR B 66 -23.81 -17.49 2.73
CA THR B 66 -22.72 -17.02 1.90
C THR B 66 -22.64 -17.89 0.65
N VAL B 67 -22.00 -17.36 -0.38
CA VAL B 67 -21.80 -18.12 -1.61
C VAL B 67 -20.92 -19.34 -1.35
N HIS B 68 -19.89 -19.17 -0.52
CA HIS B 68 -18.95 -20.26 -0.27
C HIS B 68 -19.63 -21.37 0.52
N SER B 69 -20.34 -21.02 1.59
CA SER B 69 -20.95 -22.02 2.44
C SER B 69 -21.90 -22.91 1.65
N PHE B 70 -22.72 -22.33 0.77
CA PHE B 70 -23.69 -23.12 0.02
C PHE B 70 -23.00 -24.09 -0.92
N PHE B 71 -22.10 -23.58 -1.77
CA PHE B 71 -21.41 -24.41 -2.75
C PHE B 71 -20.20 -25.14 -2.18
N ARG B 72 -19.83 -24.86 -0.92
CA ARG B 72 -18.70 -25.50 -0.27
C ARG B 72 -17.38 -25.16 -0.97
N PHE B 73 -17.28 -23.94 -1.48
CA PHE B 73 -16.06 -23.51 -2.15
C PHE B 73 -14.93 -23.29 -1.15
N PRO B 74 -13.69 -23.63 -1.52
CA PRO B 74 -12.55 -23.30 -0.65
C PRO B 74 -12.36 -21.80 -0.55
N ALA B 75 -11.75 -21.37 0.56
CA ALA B 75 -11.51 -19.94 0.78
C ALA B 75 -10.19 -19.49 0.14
N ARG B 76 -10.07 -19.78 -1.14
CA ARG B 76 -8.91 -19.40 -1.92
C ARG B 76 -9.39 -18.99 -3.30
N LEU B 77 -8.47 -18.44 -4.10
CA LEU B 77 -8.78 -18.10 -5.48
C LEU B 77 -9.35 -19.32 -6.19
N LEU B 78 -10.48 -19.10 -6.85
CA LEU B 78 -11.18 -20.19 -7.55
C LEU B 78 -10.80 -20.10 -9.02
N ARG B 79 -9.82 -20.91 -9.41
CA ARG B 79 -9.31 -20.85 -10.77
C ARG B 79 -10.41 -21.19 -11.77
N TYR B 80 -10.23 -20.74 -13.01
CA TYR B 80 -11.28 -20.80 -14.01
C TYR B 80 -11.68 -22.23 -14.32
N ARG B 81 -12.89 -22.61 -13.91
CA ARG B 81 -13.45 -23.93 -14.19
C ARG B 81 -12.50 -25.04 -13.76
N HIS B 82 -11.73 -24.81 -12.71
CA HIS B 82 -10.71 -25.79 -12.37
C HIS B 82 -11.27 -26.83 -11.39
N PRO B 83 -11.09 -28.13 -11.67
CA PRO B 83 -11.72 -29.15 -10.80
C PRO B 83 -11.21 -29.18 -9.37
N GLU B 84 -9.93 -28.87 -9.13
CA GLU B 84 -9.43 -28.83 -7.75
C GLU B 84 -10.18 -27.80 -6.91
N ASP B 85 -10.65 -26.71 -7.53
CA ASP B 85 -11.26 -25.62 -6.79
C ASP B 85 -12.79 -25.70 -6.76
N ILE B 86 -13.41 -26.16 -7.83
CA ILE B 86 -14.87 -26.24 -7.92
C ILE B 86 -15.22 -27.72 -8.07
N ARG B 87 -15.48 -28.38 -6.94
CA ARG B 87 -15.78 -29.80 -6.93
C ARG B 87 -17.27 -30.02 -6.89
N PRO B 88 -17.87 -30.61 -7.92
CA PRO B 88 -19.31 -30.87 -7.88
C PRO B 88 -19.68 -31.74 -6.74
N PRO B 89 -20.88 -31.58 -6.17
CA PRO B 89 -21.30 -32.35 -4.99
C PRO B 89 -21.33 -33.85 -5.26
N GLY B 90 -21.48 -34.61 -4.18
CA GLY B 90 -21.54 -36.05 -4.24
C GLY B 90 -22.76 -36.56 -4.99
N PRO B 91 -22.67 -37.78 -5.54
CA PRO B 91 -23.79 -38.29 -6.36
C PRO B 91 -25.07 -38.50 -5.59
N HIS B 92 -25.01 -38.62 -4.26
CA HIS B 92 -26.20 -38.73 -3.43
C HIS B 92 -26.10 -37.80 -2.23
N SER B 93 -25.60 -36.58 -2.45
CA SER B 93 -25.44 -35.57 -1.42
C SER B 93 -26.70 -34.70 -1.31
N PRO B 94 -27.00 -34.16 -0.12
CA PRO B 94 -28.16 -33.28 0.01
C PRO B 94 -28.00 -31.95 -0.70
N LEU B 95 -26.76 -31.50 -0.90
CA LEU B 95 -26.54 -30.25 -1.61
C LEU B 95 -26.75 -30.40 -3.11
N ARG B 96 -26.39 -31.56 -3.68
CA ARG B 96 -26.79 -31.85 -5.05
C ARG B 96 -28.30 -31.70 -5.21
N LYS B 97 -29.06 -32.37 -4.34
CA LYS B 97 -30.52 -32.31 -4.38
C LYS B 97 -31.02 -30.87 -4.49
N ALA B 98 -30.42 -29.95 -3.74
CA ALA B 98 -30.88 -28.58 -3.78
C ALA B 98 -30.53 -27.92 -5.11
N ILE B 99 -29.31 -28.14 -5.61
CA ILE B 99 -28.94 -27.65 -6.92
C ILE B 99 -29.81 -28.27 -8.01
N GLU B 100 -30.22 -29.52 -7.82
CA GLU B 100 -31.09 -30.16 -8.78
C GLU B 100 -32.43 -29.45 -8.86
N GLN B 101 -33.10 -29.32 -7.71
CA GLN B 101 -34.44 -28.76 -7.66
C GLN B 101 -34.47 -27.24 -7.75
N MET B 102 -33.32 -26.58 -7.61
CA MET B 102 -33.29 -25.13 -7.68
C MET B 102 -33.65 -24.65 -9.08
N GLU B 103 -34.48 -23.61 -9.14
CA GLU B 103 -34.82 -22.98 -10.40
C GLU B 103 -34.52 -21.49 -10.43
N VAL B 104 -34.25 -20.86 -9.29
CA VAL B 104 -33.88 -19.45 -9.26
C VAL B 104 -32.90 -19.24 -8.12
N LEU B 105 -31.84 -18.47 -8.39
CA LEU B 105 -30.83 -18.13 -7.40
C LEU B 105 -30.78 -16.61 -7.24
N ILE B 106 -31.02 -16.15 -6.02
CA ILE B 106 -30.96 -14.72 -5.72
C ILE B 106 -29.60 -14.43 -5.11
N LEU B 107 -28.90 -13.43 -5.64
CA LEU B 107 -27.56 -13.08 -5.19
C LEU B 107 -27.56 -11.59 -4.86
N ASP B 108 -27.43 -11.26 -3.58
CA ASP B 108 -27.44 -9.88 -3.12
C ASP B 108 -26.03 -9.39 -2.82
N GLU B 109 -25.87 -8.06 -2.88
CA GLU B 109 -24.57 -7.41 -2.75
C GLU B 109 -23.59 -7.94 -3.79
N VAL B 110 -24.07 -8.11 -5.02
CA VAL B 110 -23.26 -8.66 -6.10
C VAL B 110 -22.06 -7.78 -6.45
N GLY B 111 -22.04 -6.54 -5.96
CA GLY B 111 -20.86 -5.71 -6.20
C GLY B 111 -19.61 -6.24 -5.52
N MET B 112 -19.78 -6.91 -4.36
CA MET B 112 -18.66 -7.49 -3.63
C MET B 112 -18.30 -8.90 -4.10
N VAL B 113 -19.08 -9.48 -5.00
CA VAL B 113 -18.77 -10.80 -5.56
C VAL B 113 -17.62 -10.64 -6.53
N ARG B 114 -16.47 -11.23 -6.21
CA ARG B 114 -15.32 -11.18 -7.11
C ARG B 114 -15.58 -12.10 -8.30
N VAL B 115 -14.94 -11.78 -9.43
CA VAL B 115 -15.26 -12.44 -10.69
C VAL B 115 -15.06 -13.94 -10.58
N ASP B 116 -14.01 -14.37 -9.88
CA ASP B 116 -13.75 -15.80 -9.77
C ASP B 116 -14.83 -16.51 -8.97
N LEU B 117 -15.49 -15.80 -8.05
CA LEU B 117 -16.57 -16.41 -7.27
C LEU B 117 -17.86 -16.52 -8.08
N LEU B 118 -18.07 -15.61 -9.04
CA LEU B 118 -19.25 -15.72 -9.89
C LEU B 118 -19.06 -16.80 -10.95
N GLU B 119 -17.86 -16.90 -11.54
CA GLU B 119 -17.58 -17.93 -12.53
C GLU B 119 -17.63 -19.32 -11.92
N ALA B 120 -17.26 -19.45 -10.64
CA ALA B 120 -17.40 -20.72 -9.95
C ALA B 120 -18.86 -21.10 -9.75
N MET B 121 -19.70 -20.12 -9.42
CA MET B 121 -21.14 -20.36 -9.36
C MET B 121 -21.68 -20.83 -10.71
N ASP B 122 -21.26 -20.17 -11.78
CA ASP B 122 -21.62 -20.60 -13.12
C ASP B 122 -21.21 -22.05 -13.34
N TRP B 123 -19.96 -22.37 -13.03
CA TRP B 123 -19.47 -23.71 -13.30
C TRP B 123 -20.14 -24.75 -12.40
N ALA B 124 -20.30 -24.43 -11.11
CA ALA B 124 -20.84 -25.42 -10.17
C ALA B 124 -22.23 -25.87 -10.59
N LEU B 125 -23.10 -24.93 -10.93
CA LEU B 125 -24.47 -25.27 -11.34
C LEU B 125 -24.47 -26.08 -12.61
N ARG B 126 -23.60 -25.73 -13.55
CA ARG B 126 -23.56 -26.42 -14.84
C ARG B 126 -23.16 -27.87 -14.65
N LYS B 127 -22.14 -28.12 -13.82
CA LYS B 127 -21.65 -29.48 -13.62
C LYS B 127 -22.72 -30.38 -13.02
N THR B 128 -23.44 -29.86 -12.02
CA THR B 128 -24.28 -30.71 -11.19
C THR B 128 -25.65 -30.95 -11.79
N ARG B 129 -26.12 -30.06 -12.64
CA ARG B 129 -27.40 -30.22 -13.30
C ARG B 129 -27.28 -30.74 -14.74
N LYS B 130 -26.05 -31.07 -15.18
CA LYS B 130 -25.81 -31.73 -16.46
C LYS B 130 -26.17 -30.83 -17.65
N ARG B 131 -25.84 -29.54 -17.58
CA ARG B 131 -26.26 -28.59 -18.61
C ARG B 131 -25.10 -27.67 -18.99
N LEU B 132 -23.93 -28.27 -19.23
CA LEU B 132 -22.68 -27.52 -19.33
C LEU B 132 -22.70 -26.44 -20.40
N GLU B 133 -23.65 -26.47 -21.34
CA GLU B 133 -23.63 -25.52 -22.44
C GLU B 133 -24.65 -24.39 -22.28
N GLU B 134 -25.34 -24.32 -21.14
CA GLU B 134 -26.21 -23.19 -20.89
C GLU B 134 -25.81 -22.51 -19.58
N PRO B 135 -25.77 -21.17 -19.56
CA PRO B 135 -25.17 -20.47 -18.42
C PRO B 135 -25.89 -20.79 -17.12
N PHE B 136 -25.10 -20.93 -16.05
CA PHE B 136 -25.59 -21.17 -14.70
C PHE B 136 -26.40 -22.46 -14.61
N GLY B 137 -26.35 -23.33 -15.61
CA GLY B 137 -27.13 -24.55 -15.56
C GLY B 137 -28.62 -24.31 -15.62
N GLY B 138 -29.05 -23.28 -16.37
CA GLY B 138 -30.44 -23.01 -16.60
C GLY B 138 -31.21 -22.41 -15.45
N VAL B 139 -30.53 -21.89 -14.44
CA VAL B 139 -31.21 -21.24 -13.33
C VAL B 139 -31.42 -19.77 -13.65
N LYS B 140 -32.61 -19.28 -13.35
CA LYS B 140 -32.86 -17.84 -13.39
C LYS B 140 -32.16 -17.19 -12.20
N VAL B 141 -31.10 -16.45 -12.44
CA VAL B 141 -30.38 -15.79 -11.36
C VAL B 141 -30.81 -14.34 -11.29
N LEU B 142 -30.97 -13.83 -10.06
CA LEU B 142 -31.49 -12.50 -9.79
C LEU B 142 -30.42 -11.78 -8.96
N LEU B 143 -29.62 -10.96 -9.64
CA LEU B 143 -28.53 -10.25 -8.99
C LEU B 143 -29.02 -8.89 -8.51
N LEU B 144 -28.61 -8.52 -7.31
CA LEU B 144 -28.91 -7.20 -6.77
C LEU B 144 -27.66 -6.68 -6.08
N GLY B 145 -27.35 -5.41 -6.31
CA GLY B 145 -26.17 -4.82 -5.72
C GLY B 145 -25.93 -3.43 -6.27
N ASP B 146 -24.71 -2.95 -6.06
CA ASP B 146 -24.34 -1.59 -6.44
C ASP B 146 -22.84 -1.52 -6.60
N THR B 147 -22.36 -1.18 -7.80
CA THR B 147 -20.93 -1.12 -8.06
C THR B 147 -20.27 0.14 -7.52
N ARG B 148 -21.05 1.21 -7.26
CA ARG B 148 -20.42 2.38 -6.64
C ARG B 148 -20.12 2.16 -5.17
N GLN B 149 -20.58 1.05 -4.60
CA GLN B 149 -20.22 0.64 -3.26
C GLN B 149 -18.98 -0.23 -3.32
N LEU B 150 -18.64 -0.89 -2.21
CA LEU B 150 -17.33 -1.52 -2.06
C LEU B 150 -17.04 -2.48 -3.21
N GLU B 151 -15.82 -2.39 -3.73
CA GLU B 151 -15.31 -3.28 -4.74
C GLU B 151 -14.88 -4.60 -4.11
N PRO B 152 -14.60 -5.62 -4.91
CA PRO B 152 -14.17 -6.91 -4.35
C PRO B 152 -12.82 -6.85 -3.66
N VAL B 153 -12.63 -7.80 -2.75
CA VAL B 153 -11.37 -7.97 -2.04
C VAL B 153 -10.40 -8.74 -2.93
N VAL B 154 -9.28 -8.12 -3.29
CA VAL B 154 -8.24 -8.80 -4.08
C VAL B 154 -6.89 -8.59 -3.42
N PRO B 155 -6.26 -9.66 -2.90
CA PRO B 155 -4.88 -9.56 -2.41
C PRO B 155 -3.86 -9.56 -3.55
N GLY B 156 -2.66 -9.10 -3.23
CA GLY B 156 -1.69 -8.72 -4.25
C GLY B 156 -0.50 -9.60 -4.55
N GLY B 157 -0.69 -10.91 -4.55
CA GLY B 157 0.37 -11.80 -5.01
C GLY B 157 0.16 -12.23 -6.44
N GLU B 158 0.48 -13.49 -6.72
CA GLU B 158 0.14 -14.07 -8.01
C GLU B 158 -1.36 -14.18 -8.17
N GLU B 159 -2.12 -14.15 -7.07
CA GLU B 159 -3.57 -14.20 -7.16
C GLU B 159 -4.10 -13.02 -7.97
N ALA B 160 -3.59 -11.81 -7.70
CA ALA B 160 -4.00 -10.66 -8.49
C ALA B 160 -3.57 -10.84 -9.95
N LEU B 161 -2.36 -11.35 -10.16
CA LEU B 161 -1.89 -11.53 -11.53
C LEU B 161 -2.79 -12.49 -12.28
N TYR B 162 -3.13 -13.62 -11.65
CA TYR B 162 -4.01 -14.59 -12.29
C TYR B 162 -5.34 -13.95 -12.64
N ILE B 163 -5.89 -13.13 -11.74
CA ILE B 163 -7.19 -12.52 -11.98
C ILE B 163 -7.11 -11.58 -13.19
N ALA B 164 -6.06 -10.77 -13.26
CA ALA B 164 -5.92 -9.87 -14.40
C ALA B 164 -5.70 -10.62 -15.69
N ARG B 165 -4.84 -11.65 -15.66
CA ARG B 165 -4.58 -12.43 -16.86
C ARG B 165 -5.82 -13.19 -17.31
N THR B 166 -6.62 -13.67 -16.35
CA THR B 166 -7.76 -14.52 -16.69
C THR B 166 -8.95 -13.70 -17.15
N TRP B 167 -9.41 -12.78 -16.31
CA TRP B 167 -10.64 -12.04 -16.60
C TRP B 167 -10.40 -10.59 -17.00
N GLY B 168 -9.16 -10.09 -16.89
CA GLY B 168 -8.89 -8.69 -17.13
C GLY B 168 -9.26 -7.76 -16.00
N GLY B 169 -9.87 -8.28 -14.92
CA GLY B 169 -10.30 -7.48 -13.80
C GLY B 169 -11.10 -8.31 -12.80
N PRO B 170 -11.38 -7.75 -11.62
CA PRO B 170 -12.00 -8.56 -10.56
C PRO B 170 -13.51 -8.46 -10.48
N PHE B 171 -14.13 -7.54 -11.22
CA PHE B 171 -15.54 -7.24 -11.00
C PHE B 171 -16.44 -8.29 -11.62
N PHE B 172 -17.60 -8.48 -10.97
CA PHE B 172 -18.49 -9.57 -11.36
C PHE B 172 -18.92 -9.47 -12.81
N PHE B 173 -19.10 -8.25 -13.32
CA PHE B 173 -19.54 -8.10 -14.70
C PHE B 173 -18.46 -8.46 -15.71
N GLN B 174 -17.24 -8.72 -15.24
CA GLN B 174 -16.15 -9.14 -16.09
C GLN B 174 -16.07 -10.65 -16.23
N ALA B 175 -17.03 -11.38 -15.69
CA ALA B 175 -17.08 -12.83 -15.87
C ALA B 175 -17.34 -13.18 -17.33
N HIS B 176 -16.79 -14.32 -17.77
CA HIS B 176 -16.98 -14.74 -19.14
C HIS B 176 -18.37 -15.30 -19.39
N VAL B 177 -19.12 -15.58 -18.33
CA VAL B 177 -20.50 -16.03 -18.48
C VAL B 177 -21.36 -14.95 -19.11
N TRP B 178 -20.98 -13.68 -18.98
CA TRP B 178 -21.74 -12.59 -19.57
C TRP B 178 -21.47 -12.44 -21.07
N GLU B 179 -20.61 -13.29 -21.63
CA GLU B 179 -20.51 -13.40 -23.08
C GLU B 179 -21.54 -14.37 -23.63
N GLU B 180 -21.96 -15.34 -22.82
CA GLU B 180 -22.93 -16.34 -23.23
C GLU B 180 -24.37 -15.87 -23.03
N VAL B 181 -24.62 -14.96 -22.08
CA VAL B 181 -25.96 -14.55 -21.74
C VAL B 181 -25.96 -13.05 -21.43
N ALA B 182 -27.09 -12.41 -21.69
CA ALA B 182 -27.26 -10.97 -21.49
C ALA B 182 -27.96 -10.69 -20.17
N LEU B 183 -27.54 -9.62 -19.51
CA LEU B 183 -27.98 -9.27 -18.16
C LEU B 183 -28.92 -8.07 -18.26
N ARG B 184 -30.20 -8.28 -17.95
CA ARG B 184 -31.19 -7.22 -17.98
C ARG B 184 -31.09 -6.41 -16.69
N VAL B 185 -30.82 -5.11 -16.82
CA VAL B 185 -30.57 -4.24 -15.68
C VAL B 185 -31.83 -3.43 -15.40
N HIS B 186 -32.36 -3.54 -14.18
CA HIS B 186 -33.51 -2.76 -13.72
C HIS B 186 -33.05 -1.86 -12.59
N ARG B 187 -33.10 -0.55 -12.81
CA ARG B 187 -32.52 0.41 -11.87
C ARG B 187 -33.57 0.94 -10.89
N LEU B 188 -33.09 1.29 -9.70
CA LEU B 188 -33.91 1.91 -8.66
C LEU B 188 -33.30 3.24 -8.23
N TRP B 189 -34.14 4.23 -7.96
CA TRP B 189 -33.64 5.56 -7.67
C TRP B 189 -34.17 6.18 -6.40
N GLU B 190 -35.30 5.72 -5.87
CA GLU B 190 -35.92 6.35 -4.71
C GLU B 190 -35.33 5.74 -3.44
N SER B 191 -34.57 6.53 -2.70
CA SER B 191 -33.88 6.07 -1.51
C SER B 191 -34.89 5.94 -0.37
N GLN B 192 -35.14 4.71 0.07
CA GLN B 192 -36.07 4.48 1.17
C GLN B 192 -35.41 4.72 2.52
N ARG B 193 -34.12 4.44 2.65
CA ARG B 193 -33.47 4.52 3.95
C ARG B 193 -33.41 5.95 4.46
N GLN B 194 -33.23 6.93 3.56
CA GLN B 194 -33.19 8.33 3.95
C GLN B 194 -34.38 9.10 3.38
N ARG B 195 -35.54 8.47 3.29
CA ARG B 195 -36.68 9.13 2.68
C ARG B 195 -37.36 10.14 3.59
N GLU B 196 -37.08 10.09 4.90
CA GLU B 196 -37.58 11.10 5.82
C GLU B 196 -36.52 12.13 6.16
N ASP B 197 -35.40 12.13 5.43
CA ASP B 197 -34.47 13.25 5.38
C ASP B 197 -34.08 13.38 3.92
N PRO B 198 -34.88 14.07 3.11
CA PRO B 198 -34.58 14.13 1.68
C PRO B 198 -33.40 15.00 1.32
N LEU B 199 -33.04 15.98 2.17
CA LEU B 199 -31.83 16.75 1.91
C LEU B 199 -30.60 15.88 2.09
N PHE B 200 -30.57 15.10 3.16
CA PHE B 200 -29.49 14.15 3.37
C PHE B 200 -29.36 13.22 2.17
N ALA B 201 -30.49 12.68 1.72
CA ALA B 201 -30.50 11.76 0.59
C ALA B 201 -29.87 12.40 -0.64
N GLU B 202 -30.08 13.69 -0.84
CA GLU B 202 -29.55 14.37 -2.00
C GLU B 202 -28.03 14.58 -1.88
N LEU B 203 -27.58 14.96 -0.68
CA LEU B 203 -26.15 15.07 -0.41
C LEU B 203 -25.48 13.75 -0.73
N LEU B 204 -26.09 12.66 -0.29
CA LEU B 204 -25.54 11.33 -0.51
C LEU B 204 -25.47 11.01 -2.00
N LYS B 205 -26.53 11.32 -2.74
CA LYS B 205 -26.50 11.17 -4.18
C LYS B 205 -25.38 12.02 -4.80
N ARG B 206 -25.20 13.24 -4.30
CA ARG B 206 -24.11 14.09 -4.77
C ARG B 206 -22.75 13.55 -4.37
N LEU B 207 -22.67 12.88 -3.22
CA LEU B 207 -21.43 12.23 -2.81
C LEU B 207 -21.11 11.05 -3.72
N ARG B 208 -22.13 10.25 -4.07
CA ARG B 208 -21.91 9.12 -4.97
C ARG B 208 -21.32 9.60 -6.30
N GLN B 209 -21.82 10.71 -6.82
CA GLN B 209 -21.29 11.34 -8.03
C GLN B 209 -20.05 12.19 -7.78
N GLY B 210 -19.54 12.24 -6.55
CA GLY B 210 -18.24 12.83 -6.28
C GLY B 210 -18.18 14.34 -6.26
N ASP B 211 -19.29 15.02 -6.06
CA ASP B 211 -19.29 16.47 -5.99
C ASP B 211 -18.44 16.93 -4.81
N PRO B 212 -17.36 17.69 -5.05
CA PRO B 212 -16.50 18.10 -3.93
C PRO B 212 -17.12 19.11 -3.00
N GLN B 213 -18.04 19.95 -3.48
CA GLN B 213 -18.73 20.85 -2.56
C GLN B 213 -19.76 20.10 -1.72
N ALA B 214 -20.26 18.96 -2.21
CA ALA B 214 -21.04 18.06 -1.37
C ALA B 214 -20.19 17.47 -0.26
N LEU B 215 -18.91 17.27 -0.52
CA LEU B 215 -18.00 16.73 0.49
C LEU B 215 -17.64 17.79 1.53
N GLU B 216 -17.46 19.03 1.09
CA GLU B 216 -17.11 20.12 2.00
C GLU B 216 -18.27 20.49 2.91
N THR B 217 -19.51 20.32 2.43
CA THR B 217 -20.68 20.54 3.29
C THR B 217 -20.83 19.41 4.30
N LEU B 218 -20.56 18.18 3.84
CA LEU B 218 -20.57 17.04 4.76
C LEU B 218 -19.62 17.28 5.92
N ASN B 219 -18.42 17.77 5.63
CA ASN B 219 -17.42 18.01 6.67
C ASN B 219 -17.92 19.01 7.70
N ARG B 220 -18.48 20.13 7.25
CA ARG B 220 -18.97 21.12 8.19
C ARG B 220 -20.16 20.63 9.00
N ALA B 221 -20.88 19.62 8.51
CA ALA B 221 -22.04 19.09 9.22
C ALA B 221 -21.74 17.86 10.08
N ALA B 222 -20.64 17.16 9.86
CA ALA B 222 -20.48 15.84 10.45
C ALA B 222 -19.21 15.59 11.24
N VAL B 223 -18.28 16.55 11.30
CA VAL B 223 -17.02 16.34 12.01
C VAL B 223 -17.24 16.65 13.49
N ARG B 224 -17.49 15.60 14.27
CA ARG B 224 -17.46 15.66 15.74
C ARG B 224 -16.61 14.48 16.21
N PRO B 225 -15.34 14.70 16.53
CA PRO B 225 -14.48 13.58 16.96
C PRO B 225 -15.05 12.74 18.10
N ASP B 226 -15.73 13.35 19.07
CA ASP B 226 -16.32 12.61 20.18
C ASP B 226 -17.60 11.87 19.80
N GLY B 227 -17.94 11.81 18.50
CA GLY B 227 -19.20 11.22 18.08
C GLY B 227 -19.29 9.72 18.28
N GLY B 228 -18.16 9.06 18.49
CA GLY B 228 -18.16 7.62 18.62
C GLY B 228 -18.38 7.16 20.05
N GLU B 229 -18.13 8.05 21.01
CA GLU B 229 -18.24 7.71 22.42
C GLU B 229 -19.62 8.02 22.98
N GLU B 230 -20.57 8.37 22.12
CA GLU B 230 -21.96 8.52 22.51
C GLU B 230 -22.66 7.17 22.45
N PRO B 231 -23.75 7.00 23.21
CA PRO B 231 -24.41 5.69 23.25
C PRO B 231 -25.07 5.36 21.93
N GLY B 232 -25.30 4.06 21.74
CA GLY B 232 -26.03 3.56 20.58
C GLY B 232 -25.35 3.82 19.25
N THR B 233 -24.04 4.06 19.25
CA THR B 233 -23.30 4.44 18.07
C THR B 233 -22.36 3.32 17.64
N LEU B 234 -22.45 2.94 16.37
CA LEU B 234 -21.53 1.96 15.80
C LEU B 234 -20.41 2.70 15.08
N ILE B 235 -19.17 2.39 15.45
CA ILE B 235 -17.99 2.95 14.81
C ILE B 235 -17.62 2.07 13.62
N LEU B 236 -17.27 2.71 12.52
CA LEU B 236 -16.78 2.01 11.34
C LEU B 236 -15.34 2.44 11.13
N THR B 237 -14.49 1.48 10.80
CA THR B 237 -13.13 1.84 10.44
C THR B 237 -12.71 1.02 9.23
N PRO B 238 -11.78 1.53 8.42
CA PRO B 238 -11.37 0.76 7.23
C PRO B 238 -10.57 -0.51 7.56
N ARG B 239 -9.77 -0.52 8.61
CA ARG B 239 -8.83 -1.61 8.88
C ARG B 239 -9.16 -2.29 10.20
N ARG B 240 -9.04 -3.63 10.21
CA ARG B 240 -9.32 -4.39 11.42
C ARG B 240 -8.40 -3.98 12.56
N LYS B 241 -7.16 -3.60 12.25
CA LYS B 241 -6.22 -3.15 13.26
C LYS B 241 -6.72 -1.88 13.95
N GLU B 242 -7.24 -0.94 13.16
CA GLU B 242 -7.81 0.27 13.76
C GLU B 242 -9.05 -0.05 14.58
N ALA B 243 -9.81 -1.06 14.18
CA ALA B 243 -10.98 -1.46 14.96
C ALA B 243 -10.58 -2.00 16.33
N ASP B 244 -9.40 -2.63 16.43
CA ASP B 244 -8.96 -3.17 17.70
C ASP B 244 -8.54 -2.07 18.66
N ALA B 245 -7.83 -1.05 18.16
CA ALA B 245 -7.44 0.05 19.03
C ALA B 245 -8.65 0.78 19.59
N LEU B 246 -9.73 0.87 18.80
CA LEU B 246 -10.95 1.50 19.30
C LEU B 246 -11.71 0.58 20.24
N ASN B 247 -11.71 -0.74 19.98
CA ASN B 247 -12.47 -1.66 20.81
C ASN B 247 -11.84 -1.84 22.18
N LEU B 248 -10.51 -1.72 22.27
CA LEU B 248 -9.86 -1.77 23.58
C LEU B 248 -10.41 -0.70 24.50
N LYS B 249 -10.61 0.51 23.96
CA LYS B 249 -11.12 1.63 24.75
C LYS B 249 -12.36 1.23 25.52
N ARG B 250 -13.40 0.80 24.82
CA ARG B 250 -14.67 0.55 25.50
C ARG B 250 -14.59 -0.67 26.40
N LEU B 251 -13.59 -1.53 26.18
CA LEU B 251 -13.45 -2.73 26.99
C LEU B 251 -12.88 -2.40 28.38
N GLU B 252 -11.88 -1.50 28.43
CA GLU B 252 -11.35 -1.06 29.71
C GLU B 252 -12.46 -0.54 30.62
N ALA B 253 -13.50 0.07 30.05
CA ALA B 253 -14.57 0.66 30.82
C ALA B 253 -15.60 -0.36 31.30
N LEU B 254 -15.44 -1.64 30.96
CA LEU B 254 -16.45 -2.55 31.45
C LEU B 254 -16.02 -3.15 32.80
N PRO B 255 -16.97 -3.46 33.68
CA PRO B 255 -16.62 -3.96 35.01
C PRO B 255 -16.20 -5.41 35.06
N GLY B 256 -16.47 -6.18 34.01
CA GLY B 256 -16.23 -7.62 34.05
C GLY B 256 -14.77 -7.98 34.29
N LYS B 257 -14.56 -9.25 34.63
CA LYS B 257 -13.22 -9.78 34.81
C LYS B 257 -12.61 -10.13 33.45
N PRO B 258 -11.49 -9.52 33.06
CA PRO B 258 -10.94 -9.79 31.73
C PRO B 258 -10.38 -11.21 31.65
N LEU B 259 -10.69 -11.88 30.55
CA LEU B 259 -10.12 -13.18 30.25
C LEU B 259 -9.46 -13.10 28.87
N GLU B 260 -8.18 -13.46 28.81
CA GLU B 260 -7.41 -13.40 27.58
C GLU B 260 -7.41 -14.77 26.93
N TYR B 261 -7.64 -14.80 25.61
CA TYR B 261 -7.58 -16.01 24.81
C TYR B 261 -6.32 -15.94 23.96
N GLN B 262 -5.44 -16.93 24.13
CA GLN B 262 -4.19 -16.97 23.40
C GLN B 262 -4.32 -17.91 22.22
N ALA B 263 -4.03 -17.40 21.03
CA ALA B 263 -4.07 -18.21 19.82
C ALA B 263 -2.85 -19.12 19.77
N GLN B 264 -2.96 -20.18 18.97
CA GLN B 264 -1.82 -20.98 18.56
C GLN B 264 -1.61 -20.77 17.06
N VAL B 265 -0.38 -20.45 16.67
CA VAL B 265 -0.06 -20.17 15.29
C VAL B 265 1.14 -21.02 14.90
N LYS B 266 1.10 -21.60 13.71
CA LYS B 266 2.16 -22.45 13.23
C LYS B 266 2.46 -22.09 11.78
N GLY B 267 3.67 -22.42 11.36
CA GLY B 267 4.13 -22.13 10.01
C GLY B 267 4.22 -20.64 9.73
N GLU B 268 3.99 -20.30 8.47
CA GLU B 268 4.07 -18.93 7.98
C GLU B 268 2.67 -18.34 8.00
N PHE B 269 2.41 -17.48 8.98
CA PHE B 269 1.10 -16.86 9.16
C PHE B 269 1.36 -15.48 9.76
N ALA B 270 1.36 -14.47 8.90
CA ALA B 270 1.73 -13.12 9.32
C ALA B 270 0.65 -12.51 10.21
N GLU B 271 1.10 -11.73 11.20
CA GLU B 271 0.17 -11.10 12.15
C GLU B 271 -0.79 -10.17 11.44
N THR B 272 -0.34 -9.52 10.35
CA THR B 272 -1.26 -8.73 9.55
C THR B 272 -2.40 -9.56 8.97
N ASP B 273 -2.26 -10.89 8.96
CA ASP B 273 -3.28 -11.75 8.36
C ASP B 273 -4.19 -12.41 9.38
N PHE B 274 -4.02 -12.13 10.67
CA PHE B 274 -4.86 -12.75 11.69
C PHE B 274 -6.29 -12.24 11.56
N PRO B 275 -7.30 -13.11 11.54
CA PRO B 275 -8.68 -12.63 11.54
C PRO B 275 -9.05 -11.89 12.80
N THR B 276 -8.33 -12.14 13.89
CA THR B 276 -8.58 -11.51 15.18
C THR B 276 -7.28 -11.54 15.98
N GLU B 277 -7.30 -10.86 17.13
CA GLU B 277 -6.08 -10.68 17.91
C GLU B 277 -5.54 -12.00 18.42
N ALA B 278 -4.22 -12.18 18.29
CA ALA B 278 -3.58 -13.38 18.83
C ALA B 278 -3.75 -13.47 20.34
N ALA B 279 -3.83 -12.32 21.02
CA ALA B 279 -4.14 -12.26 22.45
C ALA B 279 -5.50 -11.56 22.55
N LEU B 280 -6.57 -12.34 22.45
CA LEU B 280 -7.92 -11.80 22.46
C LEU B 280 -8.40 -11.70 23.90
N THR B 281 -8.46 -10.47 24.41
CA THR B 281 -8.94 -10.19 25.76
C THR B 281 -10.42 -9.84 25.72
N LEU B 282 -11.23 -10.57 26.49
CA LEU B 282 -12.67 -10.35 26.51
C LEU B 282 -13.13 -10.14 27.95
N LYS B 283 -14.26 -9.46 28.10
CA LYS B 283 -14.95 -9.32 29.37
C LYS B 283 -16.42 -9.66 29.17
N LYS B 284 -17.09 -10.02 30.26
CA LYS B 284 -18.51 -10.35 30.17
C LYS B 284 -19.31 -9.12 29.75
N GLY B 285 -20.33 -9.34 28.93
CA GLY B 285 -21.13 -8.24 28.41
C GLY B 285 -20.53 -7.53 27.22
N ALA B 286 -19.37 -7.95 26.73
CA ALA B 286 -18.73 -7.28 25.61
C ALA B 286 -19.49 -7.52 24.32
N GLN B 287 -19.62 -6.48 23.51
CA GLN B 287 -20.22 -6.63 22.19
C GLN B 287 -19.20 -7.23 21.23
N VAL B 288 -19.59 -8.33 20.57
CA VAL B 288 -18.69 -9.05 19.68
C VAL B 288 -19.43 -9.40 18.40
N ILE B 289 -18.64 -9.75 17.38
CA ILE B 289 -19.15 -10.33 16.15
C ILE B 289 -18.42 -11.65 15.93
N LEU B 290 -19.16 -12.68 15.52
CA LEU B 290 -18.54 -13.98 15.31
C LEU B 290 -17.93 -14.04 13.92
N LEU B 291 -16.93 -14.90 13.75
CA LEU B 291 -16.08 -14.88 12.58
C LEU B 291 -16.14 -16.15 11.73
N ARG B 292 -16.79 -17.21 12.22
CA ARG B 292 -16.88 -18.45 11.46
C ARG B 292 -18.25 -19.07 11.72
N ASN B 293 -18.64 -19.99 10.83
CA ASN B 293 -19.95 -20.61 10.91
C ASN B 293 -19.92 -21.84 11.80
N ASP B 294 -20.98 -22.03 12.56
CA ASP B 294 -21.11 -23.18 13.43
C ASP B 294 -21.28 -24.45 12.60
N PRO B 295 -20.44 -25.48 12.80
CA PRO B 295 -20.68 -26.76 12.10
C PRO B 295 -22.07 -27.30 12.34
N LEU B 296 -22.54 -27.26 13.59
CA LEU B 296 -23.93 -27.60 13.89
C LEU B 296 -24.88 -26.73 13.09
N GLY B 297 -24.77 -25.41 13.24
CA GLY B 297 -25.58 -24.49 12.46
C GLY B 297 -26.34 -23.48 13.30
N GLU B 298 -25.94 -23.32 14.56
CA GLU B 298 -26.66 -22.39 15.43
C GLU B 298 -26.08 -20.98 15.40
N TYR B 299 -24.92 -20.76 14.81
CA TYR B 299 -24.44 -19.41 14.57
C TYR B 299 -23.65 -19.39 13.27
N PHE B 300 -23.45 -18.18 12.76
CA PHE B 300 -22.89 -18.00 11.43
C PHE B 300 -21.91 -16.84 11.44
N ASN B 301 -21.07 -16.79 10.42
CA ASN B 301 -20.15 -15.68 10.26
C ASN B 301 -20.94 -14.41 10.06
N GLY B 302 -20.63 -13.38 10.84
CA GLY B 302 -21.35 -12.12 10.82
C GLY B 302 -22.32 -11.93 11.96
N ASP B 303 -22.60 -12.97 12.75
CA ASP B 303 -23.55 -12.88 13.85
C ASP B 303 -23.00 -11.97 14.94
N LEU B 304 -23.73 -10.91 15.24
CA LEU B 304 -23.34 -10.04 16.35
C LEU B 304 -24.04 -10.48 17.60
N GLY B 305 -23.43 -10.14 18.74
CA GLY B 305 -23.99 -10.56 20.02
C GLY B 305 -23.15 -10.04 21.16
N TRP B 306 -23.48 -10.53 22.36
CA TRP B 306 -22.79 -10.12 23.58
C TRP B 306 -22.33 -11.35 24.35
N VAL B 307 -21.18 -11.19 25.02
CA VAL B 307 -20.56 -12.26 25.77
C VAL B 307 -21.31 -12.44 27.07
N GLU B 308 -21.63 -13.70 27.41
CA GLU B 308 -22.33 -14.01 28.64
C GLU B 308 -21.49 -14.85 29.60
N ASP B 309 -20.66 -15.75 29.12
CA ASP B 309 -19.73 -16.46 30.00
C ASP B 309 -18.43 -16.76 29.28
N LEU B 310 -17.33 -16.48 29.96
CA LEU B 310 -15.99 -16.74 29.44
C LEU B 310 -15.34 -17.85 30.28
N GLU B 311 -14.82 -18.87 29.60
CA GLU B 311 -14.11 -19.96 30.25
C GLU B 311 -12.92 -20.34 29.39
N ALA B 312 -12.15 -21.32 29.86
CA ALA B 312 -10.99 -21.79 29.11
C ALA B 312 -11.44 -22.39 27.79
N GLU B 313 -11.03 -21.76 26.69
CA GLU B 313 -11.28 -22.22 25.33
C GLU B 313 -12.76 -22.53 25.07
N ALA B 314 -13.63 -21.74 25.71
CA ALA B 314 -15.07 -21.85 25.52
C ALA B 314 -15.78 -20.63 26.10
N LEU B 315 -16.65 -19.99 25.33
CA LEU B 315 -17.38 -18.82 25.78
C LEU B 315 -18.80 -18.89 25.24
N ALA B 316 -19.72 -18.29 25.98
CA ALA B 316 -21.12 -18.26 25.58
C ALA B 316 -21.47 -16.86 25.08
N VAL B 317 -22.19 -16.79 23.96
CA VAL B 317 -22.55 -15.55 23.30
C VAL B 317 -24.06 -15.49 23.15
N ARG B 318 -24.64 -14.32 23.47
CA ARG B 318 -26.06 -14.07 23.29
C ARG B 318 -26.26 -13.43 21.93
N LEU B 319 -26.93 -14.14 21.02
CA LEU B 319 -27.07 -13.67 19.64
C LEU B 319 -28.16 -12.62 19.54
N LYS B 320 -27.85 -11.52 18.84
CA LYS B 320 -28.88 -10.52 18.59
C LYS B 320 -29.91 -11.02 17.59
N ARG B 321 -29.48 -11.85 16.63
CA ARG B 321 -30.38 -12.24 15.53
C ARG B 321 -31.62 -12.94 16.04
N ASN B 322 -31.47 -13.84 17.01
CA ASN B 322 -32.59 -14.65 17.50
C ASN B 322 -32.66 -14.74 19.02
N GLY B 323 -31.84 -13.97 19.74
CA GLY B 323 -31.89 -13.97 21.20
C GLY B 323 -31.39 -15.23 21.87
N ARG B 324 -30.81 -16.16 21.13
CA ARG B 324 -30.39 -17.44 21.66
C ARG B 324 -28.94 -17.38 22.17
N ARG B 325 -28.59 -18.37 22.97
CA ARG B 325 -27.28 -18.47 23.61
C ARG B 325 -26.49 -19.57 22.91
N VAL B 326 -25.29 -19.24 22.42
CA VAL B 326 -24.45 -20.19 21.69
C VAL B 326 -23.05 -20.24 22.31
N VAL B 327 -22.49 -21.44 22.36
CA VAL B 327 -21.14 -21.66 22.90
C VAL B 327 -20.15 -21.61 21.75
N ILE B 328 -19.07 -20.85 21.94
CA ILE B 328 -18.03 -20.67 20.93
C ILE B 328 -16.75 -21.34 21.41
N ARG B 329 -16.11 -22.06 20.50
CA ARG B 329 -14.86 -22.77 20.76
C ARG B 329 -13.91 -22.47 19.61
N PRO B 330 -12.61 -22.76 19.77
CA PRO B 330 -11.64 -22.35 18.75
C PRO B 330 -11.86 -22.99 17.38
N PHE B 331 -11.59 -22.21 16.34
CA PHE B 331 -11.53 -22.68 14.96
C PHE B 331 -10.09 -22.56 14.48
N VAL B 332 -9.80 -23.13 13.32
CA VAL B 332 -8.49 -23.04 12.69
C VAL B 332 -8.64 -22.33 11.35
N TRP B 333 -7.69 -21.44 11.05
CA TRP B 333 -7.60 -20.73 9.79
C TRP B 333 -6.33 -21.17 9.07
N GLU B 334 -6.45 -21.50 7.79
CA GLU B 334 -5.29 -21.79 6.97
C GLU B 334 -4.88 -20.55 6.18
N LYS B 335 -3.59 -20.44 5.91
CA LYS B 335 -3.07 -19.39 5.05
C LYS B 335 -2.58 -20.05 3.77
N ILE B 336 -3.18 -19.68 2.65
CA ILE B 336 -2.92 -20.31 1.37
C ILE B 336 -2.09 -19.35 0.53
N VAL B 337 -1.02 -19.85 -0.08
CA VAL B 337 -0.10 -19.04 -0.86
C VAL B 337 0.05 -19.65 -2.24
N TYR B 338 0.04 -18.81 -3.26
CA TYR B 338 0.15 -19.21 -4.65
C TYR B 338 1.55 -18.93 -5.15
N THR B 339 2.09 -19.82 -5.98
CA THR B 339 3.53 -19.86 -6.20
C THR B 339 4.00 -19.81 -7.65
N TYR B 340 3.19 -20.20 -8.63
CA TYR B 340 3.59 -20.17 -10.05
C TYR B 340 4.72 -21.19 -10.34
N ASP B 341 4.86 -22.22 -9.52
CA ASP B 341 6.01 -23.11 -9.61
C ASP B 341 5.96 -24.04 -10.82
N SER B 342 7.11 -24.20 -11.48
CA SER B 342 8.21 -23.23 -11.42
C SER B 342 8.53 -22.72 -12.83
N GLU B 343 8.67 -23.67 -13.76
CA GLU B 343 8.92 -23.41 -15.17
C GLU B 343 7.69 -23.66 -16.03
N ARG B 344 6.67 -24.30 -15.49
CA ARG B 344 5.48 -24.64 -16.26
C ARG B 344 4.53 -23.44 -16.29
N GLU B 345 3.36 -23.65 -16.88
CA GLU B 345 2.46 -22.56 -17.22
C GLU B 345 1.57 -22.10 -16.07
N GLU B 346 1.51 -22.86 -14.98
CA GLU B 346 0.35 -22.82 -14.09
C GLU B 346 0.66 -22.14 -12.76
N ILE B 347 -0.41 -21.96 -11.99
CA ILE B 347 -0.39 -21.47 -10.62
C ILE B 347 -0.93 -22.58 -9.73
N LYS B 348 -0.44 -22.63 -8.48
CA LYS B 348 -0.82 -23.70 -7.54
C LYS B 348 -0.85 -23.20 -6.11
N PRO B 349 -1.91 -23.47 -5.36
CA PRO B 349 -2.00 -22.96 -3.99
C PRO B 349 -1.41 -23.92 -2.94
N GLN B 350 -0.73 -23.36 -1.95
CA GLN B 350 -0.15 -24.17 -0.89
C GLN B 350 -0.50 -23.55 0.46
N VAL B 351 -0.89 -24.40 1.40
CA VAL B 351 -1.08 -23.99 2.78
C VAL B 351 0.30 -23.91 3.41
N VAL B 352 0.59 -22.78 4.06
CA VAL B 352 1.90 -22.55 4.67
C VAL B 352 1.79 -22.11 6.12
N GLY B 353 0.59 -21.99 6.68
CA GLY B 353 0.46 -21.65 8.08
C GLY B 353 -0.95 -21.85 8.56
N THR B 354 -1.10 -22.05 9.87
CA THR B 354 -2.40 -22.14 10.52
C THR B 354 -2.47 -21.24 11.73
N PHE B 355 -3.69 -20.85 12.07
CA PHE B 355 -3.99 -19.99 13.20
C PHE B 355 -5.23 -20.55 13.87
N ARG B 356 -5.14 -20.82 15.17
CA ARG B 356 -6.23 -21.41 15.93
C ARG B 356 -6.62 -20.49 17.07
N GLN B 357 -7.91 -20.16 17.14
CA GLN B 357 -8.41 -19.18 18.09
C GLN B 357 -9.94 -19.21 18.00
N VAL B 358 -10.60 -18.74 19.05
CA VAL B 358 -12.06 -18.65 19.01
C VAL B 358 -12.48 -17.65 17.95
N PRO B 359 -13.53 -17.91 17.17
CA PRO B 359 -13.96 -17.02 16.08
C PRO B 359 -14.72 -15.80 16.58
N VAL B 360 -14.06 -15.01 17.43
CA VAL B 360 -14.69 -13.87 18.07
C VAL B 360 -13.83 -12.64 17.85
N ARG B 361 -14.48 -11.50 17.66
CA ARG B 361 -13.79 -10.23 17.70
C ARG B 361 -14.75 -9.19 18.24
N LEU B 362 -14.21 -8.18 18.93
CA LEU B 362 -15.06 -7.14 19.51
C LEU B 362 -15.68 -6.30 18.40
N ALA B 363 -16.87 -5.75 18.68
CA ALA B 363 -17.68 -5.19 17.61
C ALA B 363 -18.35 -3.88 17.98
N TRP B 364 -17.78 -3.10 18.90
CA TRP B 364 -18.19 -1.70 18.99
C TRP B 364 -17.71 -0.93 17.78
N ALA B 365 -16.60 -1.36 17.19
CA ALA B 365 -16.08 -0.80 15.95
C ALA B 365 -15.92 -1.96 14.98
N LEU B 366 -16.44 -1.77 13.76
CA LEU B 366 -16.35 -2.80 12.74
C LEU B 366 -15.76 -2.20 11.46
N THR B 367 -15.28 -3.09 10.59
CA THR B 367 -14.82 -2.65 9.29
C THR B 367 -16.00 -2.20 8.44
N VAL B 368 -15.74 -1.24 7.55
CA VAL B 368 -16.77 -0.83 6.60
C VAL B 368 -17.29 -2.04 5.84
N HIS B 369 -16.39 -2.99 5.52
CA HIS B 369 -16.76 -4.18 4.76
C HIS B 369 -17.88 -4.95 5.42
N LYS B 370 -17.80 -5.15 6.74
CA LYS B 370 -18.82 -5.93 7.41
C LYS B 370 -20.11 -5.16 7.63
N ALA B 371 -20.11 -3.85 7.37
CA ALA B 371 -21.31 -3.04 7.54
C ALA B 371 -22.14 -2.89 6.28
N GLN B 372 -21.59 -3.17 5.10
CA GLN B 372 -22.33 -2.94 3.87
C GLN B 372 -23.54 -3.86 3.80
N GLY B 373 -24.72 -3.26 3.65
CA GLY B 373 -25.98 -3.96 3.71
C GLY B 373 -26.83 -3.58 4.89
N LEU B 374 -26.21 -3.11 5.98
CA LEU B 374 -26.91 -2.86 7.22
C LEU B 374 -27.50 -1.46 7.25
N THR B 375 -28.59 -1.33 7.99
CA THR B 375 -29.18 -0.04 8.33
C THR B 375 -28.88 0.20 9.81
N LEU B 376 -28.07 1.22 10.08
CA LEU B 376 -27.56 1.48 11.41
C LEU B 376 -28.20 2.73 11.98
N ASP B 377 -28.42 2.73 13.30
CA ASP B 377 -29.07 3.85 13.96
C ASP B 377 -28.17 5.07 14.06
N LYS B 378 -26.87 4.86 14.21
CA LYS B 378 -25.93 5.95 14.48
C LYS B 378 -24.54 5.45 14.14
N VAL B 379 -23.84 6.15 13.25
CA VAL B 379 -22.53 5.73 12.79
C VAL B 379 -21.53 6.85 12.98
N HIS B 380 -20.35 6.49 13.48
CA HIS B 380 -19.19 7.36 13.54
C HIS B 380 -18.11 6.72 12.70
N LEU B 381 -17.69 7.38 11.63
CA LEU B 381 -16.60 6.87 10.80
C LEU B 381 -15.28 7.43 11.31
N GLU B 382 -14.40 6.55 11.80
CA GLU B 382 -13.04 6.92 12.19
C GLU B 382 -12.12 6.65 11.01
N LEU B 383 -11.52 7.70 10.47
CA LEU B 383 -10.83 7.59 9.20
C LEU B 383 -9.48 6.89 9.29
N GLY B 384 -8.94 6.66 10.49
CA GLY B 384 -7.66 5.96 10.61
C GLY B 384 -6.60 6.61 9.74
N ARG B 385 -5.78 5.78 9.09
CA ARG B 385 -4.84 6.33 8.12
C ARG B 385 -5.38 6.32 6.71
N GLY B 386 -6.69 6.41 6.53
CA GLY B 386 -7.25 6.75 5.25
C GLY B 386 -8.02 5.60 4.63
N LEU B 387 -8.83 5.95 3.64
CA LEU B 387 -9.57 4.94 2.89
C LEU B 387 -8.70 4.38 1.77
N PHE B 388 -8.97 3.13 1.43
CA PHE B 388 -8.16 2.43 0.44
C PHE B 388 -8.96 1.68 -0.59
N ALA B 389 -10.29 1.64 -0.47
CA ALA B 389 -11.11 0.82 -1.35
C ALA B 389 -12.17 1.69 -2.00
N HIS B 390 -12.34 1.50 -3.31
CA HIS B 390 -13.40 2.19 -4.03
C HIS B 390 -14.75 1.79 -3.44
N GLY B 391 -15.57 2.79 -3.15
CA GLY B 391 -16.86 2.60 -2.54
C GLY B 391 -16.87 2.58 -1.03
N GLN B 392 -15.71 2.68 -0.38
CA GLN B 392 -15.66 2.56 1.07
C GLN B 392 -16.32 3.75 1.75
N LEU B 393 -15.95 4.95 1.33
CA LEU B 393 -16.59 6.14 1.87
C LEU B 393 -18.10 6.09 1.65
N TYR B 394 -18.51 5.82 0.41
CA TYR B 394 -19.94 5.81 0.10
C TYR B 394 -20.70 4.86 1.01
N VAL B 395 -20.15 3.67 1.26
CA VAL B 395 -20.84 2.71 2.12
C VAL B 395 -20.93 3.24 3.54
N ALA B 396 -19.84 3.82 4.04
CA ALA B 396 -19.80 4.25 5.43
C ALA B 396 -20.82 5.34 5.71
N LEU B 397 -21.10 6.19 4.73
CA LEU B 397 -21.97 7.33 4.94
C LEU B 397 -23.45 7.02 4.68
N THR B 398 -23.76 5.90 4.03
CA THR B 398 -25.12 5.60 3.63
C THR B 398 -25.82 4.60 4.53
N ARG B 399 -25.26 4.32 5.72
CA ARG B 399 -25.84 3.34 6.64
C ARG B 399 -26.94 3.90 7.53
N VAL B 400 -27.07 5.22 7.61
CA VAL B 400 -27.99 5.87 8.54
C VAL B 400 -29.12 6.51 7.74
N ARG B 401 -30.23 6.77 8.45
CA ARG B 401 -31.42 7.35 7.84
C ARG B 401 -31.40 8.88 7.79
N ARG B 402 -30.73 9.52 8.74
CA ARG B 402 -30.71 10.97 8.84
C ARG B 402 -29.28 11.43 9.08
N LEU B 403 -29.00 12.68 8.67
CA LEU B 403 -27.65 13.22 8.79
C LEU B 403 -27.23 13.34 10.26
N GLN B 404 -28.19 13.58 11.15
CA GLN B 404 -27.99 13.59 12.60
C GLN B 404 -27.28 12.32 13.06
N ASP B 405 -27.64 11.18 12.47
CA ASP B 405 -27.13 9.88 12.93
C ASP B 405 -25.69 9.60 12.47
N LEU B 406 -24.99 10.57 11.88
CA LEU B 406 -23.67 10.34 11.30
C LEU B 406 -22.67 11.34 11.85
N SER B 407 -21.45 10.87 12.09
CA SER B 407 -20.37 11.71 12.57
C SER B 407 -19.05 11.24 11.97
N LEU B 408 -18.11 12.18 11.84
CA LEU B 408 -16.80 11.89 11.27
C LEU B 408 -15.71 12.24 12.24
N SER B 409 -14.62 11.48 12.21
CA SER B 409 -13.49 11.78 13.07
C SER B 409 -12.70 12.98 12.58
N ARG B 410 -12.62 13.17 11.26
CA ARG B 410 -11.84 14.25 10.68
C ARG B 410 -12.42 14.60 9.32
N PRO B 411 -12.15 15.80 8.81
CA PRO B 411 -12.62 16.14 7.45
C PRO B 411 -11.95 15.32 6.38
N ILE B 412 -12.69 15.08 5.31
CA ILE B 412 -12.26 14.22 4.20
C ILE B 412 -11.96 15.11 3.00
N ALA B 413 -10.73 15.02 2.48
CA ALA B 413 -10.33 15.80 1.32
C ALA B 413 -10.82 15.14 0.05
N PRO B 414 -11.12 15.91 -0.99
CA PRO B 414 -11.61 15.31 -2.24
C PRO B 414 -10.58 14.44 -2.92
N THR B 415 -9.29 14.68 -2.68
CA THR B 415 -8.23 13.84 -3.20
C THR B 415 -8.20 12.45 -2.58
N GLU B 416 -8.95 12.20 -1.51
CA GLU B 416 -8.99 10.88 -0.90
C GLU B 416 -9.94 9.92 -1.61
N LEU B 417 -10.81 10.42 -2.48
CA LEU B 417 -11.89 9.62 -3.03
C LEU B 417 -11.42 8.85 -4.25
N LEU B 418 -11.76 7.55 -4.28
CA LEU B 418 -11.22 6.59 -5.23
C LEU B 418 -12.32 6.14 -6.18
N TRP B 419 -12.04 6.24 -7.48
CA TRP B 419 -12.99 5.94 -8.54
C TRP B 419 -12.34 5.00 -9.55
N ARG B 420 -12.91 3.80 -9.71
CA ARG B 420 -12.31 2.83 -10.64
C ARG B 420 -12.95 2.96 -12.01
N PRO B 421 -12.16 3.04 -13.09
CA PRO B 421 -12.77 3.26 -14.40
C PRO B 421 -13.63 2.10 -14.89
N GLU B 422 -13.37 0.88 -14.44
CA GLU B 422 -14.19 -0.27 -14.84
C GLU B 422 -15.62 -0.11 -14.34
N VAL B 423 -15.81 0.63 -13.24
CA VAL B 423 -17.15 0.92 -12.74
C VAL B 423 -17.81 2.02 -13.58
N GLU B 424 -17.04 2.96 -14.10
CA GLU B 424 -17.62 4.01 -14.94
C GLU B 424 -18.06 3.47 -16.29
N VAL B 425 -17.32 2.52 -16.86
CA VAL B 425 -17.71 1.95 -18.14
C VAL B 425 -18.95 1.06 -17.97
N PHE B 426 -19.01 0.28 -16.89
CA PHE B 426 -20.19 -0.54 -16.63
C PHE B 426 -21.41 0.34 -16.42
N GLU B 427 -21.30 1.33 -15.52
CA GLU B 427 -22.45 2.16 -15.18
C GLU B 427 -22.94 2.98 -16.35
N THR B 428 -22.05 3.30 -17.30
CA THR B 428 -22.48 3.93 -18.54
C THR B 428 -23.07 2.91 -19.50
N ARG B 429 -22.57 1.68 -19.48
CA ARG B 429 -23.05 0.63 -20.38
C ARG B 429 -24.27 -0.10 -19.84
N ILE B 430 -24.77 0.27 -18.67
CA ILE B 430 -26.02 -0.30 -18.18
C ILE B 430 -27.11 0.73 -18.12
N GLN B 431 -26.82 1.97 -18.54
CA GLN B 431 -27.88 2.95 -18.76
C GLN B 431 -28.84 2.50 -19.86
N GLU B 432 -28.34 1.67 -20.79
CA GLU B 432 -29.15 1.11 -21.85
C GLU B 432 -30.06 -0.02 -21.38
N GLY B 433 -29.96 -0.40 -20.10
CA GLY B 433 -30.77 -1.45 -19.53
C GLY B 433 -30.27 -2.86 -19.76
N ILE B 434 -29.09 -3.02 -20.34
CA ILE B 434 -28.58 -4.33 -20.74
C ILE B 434 -27.08 -4.34 -20.52
N TRP B 435 -26.56 -5.47 -20.04
CA TRP B 435 -25.12 -5.71 -19.98
C TRP B 435 -24.83 -6.94 -20.81
N GLN B 436 -24.17 -6.74 -21.95
CA GLN B 436 -23.79 -7.81 -22.85
C GLN B 436 -22.33 -7.60 -23.23
N LYS B 437 -21.46 -8.47 -22.73
CA LYS B 437 -20.04 -8.34 -23.00
C LYS B 437 -19.68 -8.97 -24.33
N SER B 438 -18.84 -8.28 -25.10
CA SER B 438 -18.50 -8.69 -26.46
C SER B 438 -17.31 -9.64 -26.42
N HIS B 439 -16.76 -9.95 -27.61
CA HIS B 439 -15.82 -11.04 -27.83
C HIS B 439 -16.48 -12.39 -27.54
PB ADP E . 31.67 3.62 -0.59
O1B ADP E . 32.64 4.73 0.15
O2B ADP E . 30.57 3.19 0.38
O3B ADP E . 31.33 4.16 -1.96
PA ADP E . 32.10 0.88 -0.94
O1A ADP E . 32.11 0.32 0.46
O2A ADP E . 30.83 0.68 -1.77
O3A ADP E . 32.69 2.40 -0.84
O5' ADP E . 33.27 0.18 -1.73
C5' ADP E . 33.39 0.31 -3.13
C4' ADP E . 33.82 -1.01 -3.78
O4' ADP E . 35.04 -1.50 -3.23
C3' ADP E . 32.83 -2.12 -3.58
O3' ADP E . 32.93 -2.95 -4.75
C2' ADP E . 33.37 -2.89 -2.40
O2' ADP E . 33.00 -4.27 -2.44
C1' ADP E . 34.86 -2.78 -2.67
N9 ADP E . 35.60 -2.81 -1.40
C8 ADP E . 35.38 -1.99 -0.34
N7 ADP E . 36.27 -2.26 0.67
C5 ADP E . 37.06 -3.27 0.23
C6 ADP E . 38.18 -4.04 0.80
N6 ADP E . 38.66 -3.78 2.03
N1 ADP E . 38.72 -5.01 0.01
C2 ADP E . 38.26 -5.27 -1.23
N3 ADP E . 37.23 -4.61 -1.80
C4 ADP E . 36.61 -3.62 -1.12
MG MG F . 28.70 3.64 0.01
AL ALF G . 29.85 5.75 -2.06
F1 ALF G . 30.56 5.94 -3.67
F2 ALF G . 29.19 5.53 -0.41
F3 ALF G . 30.72 7.22 -1.49
F4 ALF G . 29.13 4.22 -2.56
PB ADP H . -30.71 -1.55 -0.01
O1B ADP H . -29.69 -0.84 0.83
O2B ADP H . -30.84 -0.98 -1.41
O3B ADP H . -30.66 -3.07 0.02
PA ADP H . -32.69 -1.90 2.05
O1A ADP H . -31.55 -2.29 2.95
O2A ADP H . -33.69 -2.93 1.58
O3A ADP H . -32.11 -1.18 0.72
O5' ADP H . -33.48 -0.70 2.78
C5' ADP H . -32.93 -0.16 3.99
C4' ADP H . -34.00 0.49 4.86
O4' ADP H . -35.03 1.02 4.05
C3' ADP H . -34.63 -0.50 5.82
O3' ADP H . -34.61 0.06 7.13
C2' ADP H . -36.06 -0.63 5.40
O2' ADP H . -36.87 -0.61 6.58
C1' ADP H . -36.31 0.58 4.52
N9 ADP H . -37.15 0.28 3.34
C8 ADP H . -36.81 -0.55 2.33
N7 ADP H . -37.80 -0.60 1.40
C5 ADP H . -38.79 0.23 1.81
C6 ADP H . -40.11 0.65 1.30
N6 ADP H . -40.62 0.19 0.13
N1 ADP H . -40.82 1.54 2.05
C2 ADP H . -40.35 2.02 3.22
N3 ADP H . -39.16 1.68 3.74
C4 ADP H . -38.35 0.81 3.09
MG MG I . -29.52 -4.31 0.64
AL ALF J . -27.54 -1.49 0.46
F1 ALF J . -27.08 0.20 0.76
F2 ALF J . -28.01 -3.19 0.18
F3 ALF J . -27.78 -1.71 2.19
F4 ALF J . -27.26 -1.24 -1.28
#